data_2P7Q
#
_entry.id   2P7Q
#
_cell.length_a   169.011
_cell.length_b   69.447
_cell.length_c   83.971
_cell.angle_alpha   90.00
_cell.angle_beta   113.86
_cell.angle_gamma   90.00
#
_symmetry.space_group_name_H-M   'C 1 2 1'
#
loop_
_entity.id
_entity.type
_entity.pdbx_description
1 polymer 'Glyoxalase family protein'
2 non-polymer 'MANGANESE (II) ION'
3 non-polymer '[(1S,2S)-1,2-DIHYDROXYPROPYL]PHOSPHONIC ACID'
4 water water
#
_entity_poly.entity_id   1
_entity_poly.type   'polypeptide(L)'
_entity_poly.pdbx_seq_one_letter_code
;MISGLSHITLIVKDLNKTTAFLQNIFNAEEIYSSGDKTFSLSKEKFFLIAGLWICIMEGDSLQERTYNHIAFQIQSEEVD
EYTERIKALGVEMKPERPRVQGEGRSIYFYDFDNHLFELHAGTLEQRLKRYHE
;
_entity_poly.pdbx_strand_id   A,B,C,D,E,F
#
# COMPACT_ATOMS: atom_id res chain seq x y z
N MET A 1 -9.04 45.47 5.45
CA MET A 1 -7.98 44.72 4.73
C MET A 1 -7.90 43.25 5.15
N ILE A 2 -7.88 42.36 4.16
CA ILE A 2 -7.80 40.93 4.42
C ILE A 2 -6.49 40.60 5.17
N SER A 3 -6.58 39.75 6.18
CA SER A 3 -5.41 39.36 6.98
C SER A 3 -4.71 38.18 6.33
N GLY A 4 -5.50 37.36 5.64
CA GLY A 4 -4.98 36.20 4.96
C GLY A 4 -6.10 35.21 4.69
N LEU A 5 -5.74 33.94 4.48
CA LEU A 5 -6.71 32.88 4.23
C LEU A 5 -7.37 32.45 5.53
N SER A 6 -8.69 32.35 5.54
CA SER A 6 -9.37 31.91 6.75
C SER A 6 -9.44 30.40 6.75
N HIS A 7 -10.10 29.87 5.73
CA HIS A 7 -10.28 28.43 5.58
C HIS A 7 -10.90 28.11 4.23
N ILE A 8 -10.96 26.83 3.91
CA ILE A 8 -11.54 26.36 2.66
C ILE A 8 -12.49 25.22 3.02
N THR A 9 -13.74 25.36 2.62
CA THR A 9 -14.73 24.35 2.94
C THR A 9 -15.16 23.56 1.72
N LEU A 10 -14.94 22.25 1.75
CA LEU A 10 -15.35 21.41 0.63
C LEU A 10 -16.58 20.61 1.05
N ILE A 11 -17.39 20.26 0.06
CA ILE A 11 -18.60 19.49 0.31
C ILE A 11 -18.41 18.10 -0.30
N VAL A 12 -18.69 17.07 0.48
CA VAL A 12 -18.51 15.68 0.03
C VAL A 12 -19.70 14.80 0.39
N LYS A 13 -19.95 13.79 -0.44
CA LYS A 13 -21.07 12.86 -0.25
C LYS A 13 -20.83 11.92 0.94
N ASP A 14 -19.61 11.39 1.01
CA ASP A 14 -19.21 10.46 2.07
C ASP A 14 -18.10 11.06 2.92
N LEU A 15 -18.44 11.55 4.10
CA LEU A 15 -17.44 12.16 4.97
C LEU A 15 -16.27 11.24 5.31
N ASN A 16 -16.55 10.14 6.01
CA ASN A 16 -15.50 9.19 6.40
C ASN A 16 -14.61 8.74 5.26
N LYS A 17 -15.18 8.56 4.08
CA LYS A 17 -14.38 8.13 2.95
C LYS A 17 -13.43 9.26 2.52
N THR A 18 -13.88 10.50 2.59
CA THR A 18 -13.03 11.63 2.21
C THR A 18 -11.96 11.87 3.28
N THR A 19 -12.31 11.66 4.54
CA THR A 19 -11.35 11.87 5.64
C THR A 19 -10.06 11.08 5.50
N ALA A 20 -10.18 9.80 5.13
CA ALA A 20 -9.03 8.93 4.98
C ALA A 20 -8.18 9.38 3.80
N PHE A 21 -8.86 9.93 2.80
CA PHE A 21 -8.20 10.45 1.60
C PHE A 21 -7.26 11.58 2.01
N LEU A 22 -7.74 12.47 2.87
CA LEU A 22 -6.98 13.62 3.34
C LEU A 22 -5.85 13.26 4.29
N GLN A 23 -6.10 12.33 5.20
CA GLN A 23 -5.09 11.92 6.15
C GLN A 23 -3.99 11.10 5.48
N ASN A 24 -4.36 10.27 4.51
CA ASN A 24 -3.36 9.45 3.83
C ASN A 24 -2.43 10.29 2.98
N ILE A 25 -3.02 11.03 2.05
CA ILE A 25 -2.24 11.85 1.12
C ILE A 25 -1.59 13.10 1.73
N PHE A 26 -2.40 13.95 2.35
CA PHE A 26 -1.90 15.19 2.92
C PHE A 26 -1.47 15.16 4.38
N ASN A 27 -1.40 13.99 5.00
CA ASN A 27 -1.02 13.93 6.41
C ASN A 27 -1.91 14.91 7.18
N ALA A 28 -3.17 15.03 6.74
CA ALA A 28 -4.10 15.97 7.38
C ALA A 28 -4.35 15.67 8.85
N GLU A 29 -4.23 16.71 9.68
CA GLU A 29 -4.42 16.59 11.12
C GLU A 29 -5.83 16.96 11.51
N GLU A 30 -6.68 15.95 11.72
CA GLU A 30 -8.05 16.21 12.13
C GLU A 30 -7.98 16.94 13.47
N ILE A 31 -8.74 18.03 13.60
CA ILE A 31 -8.71 18.80 14.83
C ILE A 31 -10.10 19.00 15.37
N TYR A 32 -11.09 18.62 14.59
CA TYR A 32 -12.47 18.78 15.03
C TYR A 32 -13.43 17.90 14.26
N SER A 33 -14.34 17.26 14.99
CA SER A 33 -15.35 16.38 14.40
C SER A 33 -16.68 16.79 15.02
N SER A 34 -17.72 16.90 14.19
CA SER A 34 -19.02 17.27 14.72
C SER A 34 -19.50 16.16 15.65
N GLY A 35 -18.96 14.96 15.45
CA GLY A 35 -19.32 13.83 16.27
C GLY A 35 -18.83 14.01 17.70
N ASP A 36 -17.85 14.90 17.88
CA ASP A 36 -17.29 15.19 19.20
C ASP A 36 -18.35 15.79 20.10
N LYS A 37 -19.61 15.62 19.73
CA LYS A 37 -20.72 16.17 20.52
C LYS A 37 -22.08 15.79 19.92
N THR A 38 -23.14 16.08 20.66
CA THR A 38 -24.50 15.80 20.20
C THR A 38 -25.14 17.11 19.71
N PHE A 39 -26.02 17.00 18.73
CA PHE A 39 -26.71 18.14 18.14
C PHE A 39 -25.77 19.05 17.37
N SER A 40 -25.48 18.66 16.13
CA SER A 40 -24.61 19.43 15.25
C SER A 40 -25.38 19.68 13.96
N LEU A 41 -25.42 20.93 13.52
CA LEU A 41 -26.14 21.29 12.30
C LEU A 41 -25.88 20.30 11.19
N SER A 42 -24.64 19.88 11.04
CA SER A 42 -24.32 18.93 10.00
C SER A 42 -23.09 18.13 10.34
N LYS A 43 -22.93 17.02 9.62
CA LYS A 43 -21.81 16.14 9.82
C LYS A 43 -20.58 16.78 9.16
N GLU A 44 -19.57 17.09 9.97
CA GLU A 44 -18.38 17.72 9.41
C GLU A 44 -17.11 17.57 10.23
N LYS A 45 -15.98 17.79 9.56
CA LYS A 45 -14.67 17.69 10.21
C LYS A 45 -13.73 18.81 9.74
N PHE A 46 -12.85 19.23 10.64
CA PHE A 46 -11.88 20.27 10.35
C PHE A 46 -10.48 19.68 10.42
N PHE A 47 -9.62 20.02 9.47
CA PHE A 47 -8.26 19.52 9.52
C PHE A 47 -7.25 20.64 9.30
N LEU A 48 -5.99 20.37 9.65
CA LEU A 48 -4.92 21.30 9.43
C LEU A 48 -4.02 20.61 8.42
N ILE A 49 -3.83 21.28 7.28
CA ILE A 49 -2.97 20.73 6.24
C ILE A 49 -1.92 21.79 5.96
N ALA A 50 -0.72 21.57 6.47
CA ALA A 50 0.39 22.51 6.29
C ALA A 50 -0.09 23.92 6.58
N GLY A 51 -0.56 24.14 7.79
CA GLY A 51 -1.04 25.46 8.16
C GLY A 51 -2.48 25.74 7.81
N LEU A 52 -2.87 25.40 6.60
CA LEU A 52 -4.23 25.65 6.14
C LEU A 52 -5.35 24.93 6.91
N TRP A 53 -6.42 25.67 7.19
CA TRP A 53 -7.57 25.15 7.91
C TRP A 53 -8.60 24.64 6.87
N ILE A 54 -8.66 23.33 6.68
CA ILE A 54 -9.59 22.71 5.72
C ILE A 54 -10.82 22.15 6.41
N CYS A 55 -12.00 22.47 5.88
CA CYS A 55 -13.24 21.98 6.43
C CYS A 55 -13.97 21.08 5.44
N ILE A 56 -14.48 19.96 5.94
CA ILE A 56 -15.20 19.00 5.13
C ILE A 56 -16.61 18.82 5.71
N MET A 57 -17.61 19.00 4.87
CA MET A 57 -19.01 18.87 5.26
C MET A 57 -19.68 17.86 4.36
N GLU A 58 -20.61 17.08 4.92
CA GLU A 58 -21.30 16.07 4.14
C GLU A 58 -22.58 16.67 3.55
N GLY A 59 -22.80 16.42 2.27
CA GLY A 59 -23.98 16.95 1.62
C GLY A 59 -24.15 16.28 0.27
N ASP A 60 -25.29 16.51 -0.38
CA ASP A 60 -25.58 15.90 -1.67
C ASP A 60 -25.09 16.73 -2.86
N SER A 61 -24.77 17.99 -2.61
CA SER A 61 -24.30 18.86 -3.68
C SER A 61 -23.04 18.29 -4.33
N LEU A 62 -23.03 18.24 -5.65
CA LEU A 62 -21.87 17.75 -6.39
C LEU A 62 -21.49 18.76 -7.45
N GLN A 63 -20.22 19.14 -7.46
CA GLN A 63 -19.71 20.09 -8.42
C GLN A 63 -19.17 19.37 -9.65
N GLU A 64 -19.41 19.93 -10.83
CA GLU A 64 -18.93 19.33 -12.07
C GLU A 64 -17.44 19.56 -12.14
N ARG A 65 -16.71 18.63 -12.75
CA ARG A 65 -15.26 18.78 -12.85
C ARG A 65 -14.85 20.01 -13.66
N THR A 66 -13.98 20.82 -13.08
CA THR A 66 -13.50 22.03 -13.73
C THR A 66 -12.03 22.24 -13.40
N TYR A 67 -11.41 23.23 -14.04
CA TYR A 67 -10.00 23.47 -13.80
C TYR A 67 -9.78 24.29 -12.55
N ASN A 68 -10.86 24.63 -11.85
CA ASN A 68 -10.71 25.36 -10.60
C ASN A 68 -9.98 24.37 -9.69
N HIS A 69 -8.91 24.81 -9.04
CA HIS A 69 -8.19 23.92 -8.15
C HIS A 69 -7.44 24.61 -7.01
N ILE A 70 -7.06 23.79 -6.04
CA ILE A 70 -6.31 24.25 -4.88
C ILE A 70 -4.96 23.59 -5.07
N ALA A 71 -3.89 24.29 -4.76
CA ALA A 71 -2.56 23.75 -4.97
C ALA A 71 -1.69 23.86 -3.74
N PHE A 72 -1.07 22.73 -3.37
CA PHE A 72 -0.18 22.70 -2.22
C PHE A 72 1.24 22.66 -2.70
N GLN A 73 2.14 23.15 -1.85
CA GLN A 73 3.55 23.23 -2.15
C GLN A 73 4.32 21.98 -1.75
N ILE A 74 5.15 21.49 -2.66
CA ILE A 74 5.98 20.33 -2.37
C ILE A 74 7.33 20.59 -3.01
N GLN A 75 8.31 19.73 -2.72
CA GLN A 75 9.63 19.91 -3.30
C GLN A 75 9.77 19.00 -4.50
N SER A 76 10.74 19.29 -5.35
CA SER A 76 10.96 18.51 -6.55
C SER A 76 11.41 17.09 -6.29
N GLU A 77 12.09 16.89 -5.16
CA GLU A 77 12.59 15.57 -4.80
C GLU A 77 11.43 14.67 -4.38
N GLU A 78 10.33 15.27 -3.95
CA GLU A 78 9.16 14.52 -3.49
C GLU A 78 8.10 14.28 -4.57
N VAL A 79 8.35 14.72 -5.79
CA VAL A 79 7.35 14.53 -6.82
C VAL A 79 7.06 13.06 -7.06
N ASP A 80 8.09 12.26 -7.25
CA ASP A 80 7.90 10.84 -7.48
C ASP A 80 7.17 10.19 -6.31
N GLU A 81 7.61 10.48 -5.09
CA GLU A 81 6.99 9.86 -3.90
C GLU A 81 5.49 10.09 -3.81
N TYR A 82 5.07 11.33 -3.98
CA TYR A 82 3.65 11.64 -3.93
C TYR A 82 2.91 10.96 -5.08
N THR A 83 3.59 10.79 -6.20
CA THR A 83 2.96 10.14 -7.35
C THR A 83 2.79 8.65 -7.06
N GLU A 84 3.63 8.14 -6.16
CA GLU A 84 3.58 6.74 -5.78
C GLU A 84 2.43 6.58 -4.76
N ARG A 85 2.37 7.50 -3.80
CA ARG A 85 1.34 7.50 -2.76
C ARG A 85 -0.06 7.68 -3.33
N ILE A 86 -0.19 8.52 -4.34
CA ILE A 86 -1.47 8.77 -4.97
C ILE A 86 -1.86 7.51 -5.75
N LYS A 87 -0.94 7.02 -6.56
CA LYS A 87 -1.14 5.83 -7.36
C LYS A 87 -1.53 4.63 -6.47
N ALA A 88 -0.85 4.49 -5.33
CA ALA A 88 -1.11 3.40 -4.42
C ALA A 88 -2.50 3.40 -3.81
N LEU A 89 -3.25 4.49 -3.97
CA LEU A 89 -4.59 4.55 -3.42
C LEU A 89 -5.60 4.56 -4.56
N GLY A 90 -5.11 4.27 -5.77
CA GLY A 90 -5.97 4.23 -6.92
C GLY A 90 -6.78 5.49 -7.22
N VAL A 91 -6.32 6.66 -6.78
CA VAL A 91 -7.09 7.86 -7.09
C VAL A 91 -6.70 8.31 -8.50
N GLU A 92 -7.65 8.87 -9.22
CA GLU A 92 -7.42 9.32 -10.58
C GLU A 92 -6.41 10.47 -10.65
N MET A 93 -5.44 10.37 -11.56
CA MET A 93 -4.42 11.40 -11.77
C MET A 93 -4.43 11.91 -13.21
N LYS A 94 -4.52 13.22 -13.40
CA LYS A 94 -4.50 13.79 -14.74
C LYS A 94 -3.10 13.59 -15.33
N PRO A 95 -2.96 13.70 -16.65
CA PRO A 95 -1.64 13.53 -17.28
C PRO A 95 -0.79 14.80 -17.10
N GLU A 96 0.50 14.70 -17.42
CA GLU A 96 1.39 15.86 -17.30
C GLU A 96 0.86 17.01 -18.15
N ARG A 97 0.74 18.17 -17.53
CA ARG A 97 0.25 19.37 -18.21
C ARG A 97 1.44 20.08 -18.89
N PRO A 98 1.20 20.68 -20.07
CA PRO A 98 2.28 21.39 -20.80
C PRO A 98 2.91 22.52 -19.99
N ARG A 99 4.24 22.48 -19.85
CA ARG A 99 5.00 23.47 -19.09
C ARG A 99 5.66 24.55 -19.96
N VAL A 100 6.54 25.34 -19.33
CA VAL A 100 7.26 26.41 -20.02
C VAL A 100 8.70 26.58 -19.53
N GLN A 101 9.46 25.48 -19.54
CA GLN A 101 10.87 25.49 -19.10
C GLN A 101 11.13 26.58 -18.08
N GLY A 102 10.83 26.27 -16.82
CA GLY A 102 11.01 27.23 -15.74
C GLY A 102 9.77 27.16 -14.87
N GLU A 103 8.87 26.27 -15.26
CA GLU A 103 7.62 26.03 -14.55
C GLU A 103 7.86 24.65 -13.91
N GLY A 104 7.86 24.60 -12.58
CA GLY A 104 8.09 23.35 -11.90
C GLY A 104 7.10 22.25 -12.20
N ARG A 105 7.45 21.01 -11.88
CA ARG A 105 6.57 19.86 -12.11
C ARG A 105 5.33 19.93 -11.20
N SER A 106 4.24 19.36 -11.66
CA SER A 106 3.00 19.33 -10.88
C SER A 106 2.31 17.96 -10.97
N ILE A 107 1.49 17.66 -9.96
CA ILE A 107 0.71 16.43 -9.93
C ILE A 107 -0.74 16.86 -9.73
N TYR A 108 -1.62 16.48 -10.65
CA TYR A 108 -3.02 16.84 -10.52
C TYR A 108 -3.82 15.56 -10.26
N PHE A 109 -4.90 15.67 -9.50
CA PHE A 109 -5.70 14.51 -9.18
C PHE A 109 -6.98 14.90 -8.47
N TYR A 110 -7.98 14.01 -8.44
CA TYR A 110 -9.23 14.36 -7.77
C TYR A 110 -9.42 13.62 -6.45
N ASP A 111 -10.44 14.02 -5.71
CA ASP A 111 -10.78 13.35 -4.49
C ASP A 111 -11.94 12.51 -4.99
N PHE A 112 -12.95 12.25 -4.16
CA PHE A 112 -14.06 11.43 -4.62
C PHE A 112 -15.26 12.27 -5.01
N ASP A 113 -15.12 13.57 -4.86
CA ASP A 113 -16.20 14.50 -5.18
C ASP A 113 -15.84 15.58 -6.20
N ASN A 114 -15.13 15.22 -7.26
CA ASN A 114 -14.76 16.18 -8.29
C ASN A 114 -13.94 17.39 -7.84
N HIS A 115 -13.19 17.26 -6.76
CA HIS A 115 -12.37 18.39 -6.31
C HIS A 115 -10.97 18.24 -6.89
N LEU A 116 -10.59 19.14 -7.80
CA LEU A 116 -9.27 19.06 -8.41
C LEU A 116 -8.21 19.56 -7.43
N PHE A 117 -7.21 18.72 -7.19
CA PHE A 117 -6.12 19.05 -6.28
C PHE A 117 -4.83 19.04 -7.06
N GLU A 118 -3.82 19.66 -6.48
CA GLU A 118 -2.51 19.72 -7.10
C GLU A 118 -1.40 19.84 -6.09
N LEU A 119 -0.31 19.14 -6.36
CA LEU A 119 0.87 19.21 -5.53
C LEU A 119 1.89 19.85 -6.47
N HIS A 120 2.18 21.12 -6.24
CA HIS A 120 3.09 21.89 -7.09
C HIS A 120 4.51 21.97 -6.54
N ALA A 121 5.46 21.73 -7.42
CA ALA A 121 6.87 21.83 -7.08
C ALA A 121 7.25 23.12 -7.81
N GLY A 122 8.40 23.71 -7.52
CA GLY A 122 8.71 24.95 -8.21
C GLY A 122 7.91 26.05 -7.54
N THR A 123 8.39 27.28 -7.66
CA THR A 123 7.75 28.43 -7.02
C THR A 123 7.15 29.49 -7.95
N LEU A 124 6.59 30.53 -7.32
CA LEU A 124 5.98 31.65 -8.03
C LEU A 124 7.07 32.52 -8.64
N GLU A 125 8.14 32.73 -7.90
CA GLU A 125 9.26 33.54 -8.35
C GLU A 125 9.77 33.04 -9.70
N GLN A 126 10.12 31.76 -9.77
CA GLN A 126 10.62 31.18 -11.01
C GLN A 126 9.63 31.38 -12.17
N ARG A 127 8.40 31.73 -11.82
CA ARG A 127 7.32 31.93 -12.79
C ARG A 127 7.14 33.40 -13.16
N LEU A 128 7.96 34.26 -12.56
CA LEU A 128 7.89 35.70 -12.82
C LEU A 128 9.18 36.24 -13.42
N LYS A 129 10.31 35.63 -13.06
CA LYS A 129 11.62 36.04 -13.56
C LYS A 129 11.62 36.25 -15.09
N ARG A 130 10.61 35.70 -15.75
CA ARG A 130 10.47 35.82 -17.21
C ARG A 130 10.81 37.21 -17.72
N MET B 1 7.38 16.88 2.86
CA MET B 1 5.90 16.92 3.03
C MET B 1 5.36 18.28 2.58
N ILE B 2 4.04 18.37 2.47
CA ILE B 2 3.39 19.61 2.06
C ILE B 2 3.95 20.77 2.90
N SER B 3 4.57 21.74 2.24
CA SER B 3 5.17 22.90 2.89
C SER B 3 4.07 23.90 3.24
N GLY B 4 3.01 23.91 2.43
CA GLY B 4 1.93 24.81 2.66
C GLY B 4 1.17 25.05 1.38
N LEU B 5 0.33 26.08 1.36
CA LEU B 5 -0.47 26.40 0.19
C LEU B 5 0.39 27.08 -0.86
N SER B 6 0.28 26.60 -2.10
CA SER B 6 1.02 27.16 -3.22
C SER B 6 0.18 28.23 -3.87
N HIS B 7 -1.07 27.89 -4.20
CA HIS B 7 -1.97 28.85 -4.83
C HIS B 7 -3.35 28.27 -5.11
N ILE B 8 -4.29 29.15 -5.43
CA ILE B 8 -5.66 28.75 -5.76
C ILE B 8 -5.97 29.31 -7.16
N THR B 9 -6.45 28.44 -8.05
CA THR B 9 -6.77 28.87 -9.41
C THR B 9 -8.28 28.84 -9.67
N LEU B 10 -8.82 29.96 -10.13
CA LEU B 10 -10.24 30.06 -10.42
C LEU B 10 -10.47 30.29 -11.91
N ILE B 11 -11.54 29.71 -12.44
CA ILE B 11 -11.86 29.89 -13.84
C ILE B 11 -13.02 30.87 -13.93
N VAL B 12 -12.91 31.81 -14.86
CA VAL B 12 -13.93 32.85 -15.02
C VAL B 12 -14.23 33.16 -16.49
N LYS B 13 -15.42 33.67 -16.75
CA LYS B 13 -15.79 33.97 -18.13
C LYS B 13 -15.25 35.31 -18.59
N ASP B 14 -15.16 36.28 -17.67
CA ASP B 14 -14.64 37.60 -18.00
C ASP B 14 -13.48 37.95 -17.08
N LEU B 15 -12.28 37.89 -17.64
CA LEU B 15 -11.06 38.19 -16.91
C LEU B 15 -11.02 39.63 -16.37
N ASN B 16 -11.38 40.59 -17.20
CA ASN B 16 -11.35 41.99 -16.75
C ASN B 16 -12.37 42.27 -15.64
N LYS B 17 -13.54 41.66 -15.75
CA LYS B 17 -14.59 41.86 -14.75
C LYS B 17 -14.19 41.34 -13.39
N THR B 18 -13.67 40.11 -13.37
CA THR B 18 -13.26 39.50 -12.11
C THR B 18 -12.14 40.31 -11.47
N THR B 19 -11.21 40.78 -12.29
CA THR B 19 -10.10 41.58 -11.78
C THR B 19 -10.60 42.77 -10.96
N ALA B 20 -11.40 43.62 -11.57
CA ALA B 20 -11.92 44.79 -10.88
C ALA B 20 -12.56 44.39 -9.55
N PHE B 21 -13.19 43.21 -9.56
CA PHE B 21 -13.85 42.65 -8.38
C PHE B 21 -12.80 42.35 -7.31
N LEU B 22 -11.76 41.61 -7.69
CA LEU B 22 -10.68 41.27 -6.76
C LEU B 22 -10.02 42.53 -6.19
N GLN B 23 -9.77 43.52 -7.05
CA GLN B 23 -9.16 44.76 -6.61
C GLN B 23 -10.10 45.57 -5.71
N ASN B 24 -11.33 45.80 -6.17
CA ASN B 24 -12.29 46.58 -5.37
C ASN B 24 -12.63 46.02 -4.00
N ILE B 25 -12.50 44.71 -3.81
CA ILE B 25 -12.85 44.13 -2.51
C ILE B 25 -11.69 43.57 -1.70
N PHE B 26 -10.89 42.74 -2.34
CA PHE B 26 -9.77 42.12 -1.67
C PHE B 26 -8.51 42.95 -1.82
N ASN B 27 -8.62 44.05 -2.54
CA ASN B 27 -7.45 44.88 -2.78
C ASN B 27 -6.41 43.98 -3.40
N ALA B 28 -6.87 43.08 -4.26
CA ALA B 28 -5.98 42.15 -4.94
C ALA B 28 -4.94 42.93 -5.72
N GLU B 29 -3.72 42.43 -5.72
CA GLU B 29 -2.64 43.08 -6.40
C GLU B 29 -2.14 42.27 -7.60
N GLU B 30 -2.39 42.77 -8.80
CA GLU B 30 -1.96 42.06 -10.01
C GLU B 30 -0.43 42.05 -10.07
N ILE B 31 0.12 40.88 -10.36
CA ILE B 31 1.57 40.76 -10.41
C ILE B 31 2.03 40.07 -11.67
N TYR B 32 1.08 39.57 -12.44
CA TYR B 32 1.41 38.86 -13.69
C TYR B 32 0.21 38.76 -14.63
N SER B 33 0.50 38.82 -15.93
CA SER B 33 -0.55 38.71 -16.92
C SER B 33 0.03 38.13 -18.20
N SER B 34 -0.75 37.27 -18.83
CA SER B 34 -0.34 36.63 -20.07
C SER B 34 -1.57 35.99 -20.73
N GLY B 35 -1.31 35.14 -21.72
CA GLY B 35 -2.41 34.51 -22.42
C GLY B 35 -2.79 35.34 -23.63
N ASP B 36 -2.28 34.92 -24.78
CA ASP B 36 -2.55 35.63 -26.03
C ASP B 36 -3.58 34.88 -26.87
N LYS B 37 -4.76 35.48 -27.03
CA LYS B 37 -5.83 34.86 -27.81
C LYS B 37 -5.38 34.58 -29.24
N THR B 38 -4.75 35.57 -29.85
CA THR B 38 -4.23 35.45 -31.21
C THR B 38 -3.32 34.24 -31.36
N PHE B 39 -2.51 33.98 -30.33
CA PHE B 39 -1.58 32.85 -30.35
C PHE B 39 -2.24 31.61 -29.73
N SER B 40 -3.57 31.65 -29.61
CA SER B 40 -4.37 30.55 -29.05
C SER B 40 -3.95 30.09 -27.67
N LEU B 41 -4.06 30.99 -26.69
CA LEU B 41 -3.71 30.67 -25.32
C LEU B 41 -4.61 31.49 -24.42
N SER B 42 -5.52 30.82 -23.72
CA SER B 42 -6.44 31.51 -22.83
C SER B 42 -5.65 32.46 -21.93
N LYS B 43 -6.27 33.59 -21.59
CA LYS B 43 -5.61 34.58 -20.74
C LYS B 43 -5.64 34.20 -19.27
N GLU B 44 -4.61 34.62 -18.54
CA GLU B 44 -4.52 34.38 -17.12
C GLU B 44 -3.86 35.54 -16.42
N LYS B 45 -4.06 35.62 -15.11
CA LYS B 45 -3.47 36.68 -14.32
C LYS B 45 -3.14 36.10 -12.96
N PHE B 46 -2.17 36.69 -12.28
CA PHE B 46 -1.78 36.24 -10.95
C PHE B 46 -1.87 37.43 -10.03
N PHE B 47 -2.63 37.31 -8.95
CA PHE B 47 -2.74 38.40 -7.98
C PHE B 47 -2.23 37.89 -6.63
N LEU B 48 -1.87 38.82 -5.75
CA LEU B 48 -1.45 38.44 -4.42
C LEU B 48 -2.55 39.03 -3.56
N ILE B 49 -3.07 38.24 -2.62
CA ILE B 49 -4.11 38.72 -1.73
C ILE B 49 -3.75 38.27 -0.33
N ALA B 50 -3.30 39.23 0.49
CA ALA B 50 -2.91 38.95 1.85
C ALA B 50 -1.81 37.90 1.86
N GLY B 51 -0.87 38.04 0.93
CA GLY B 51 0.24 37.13 0.84
C GLY B 51 -0.02 35.82 0.11
N LEU B 52 -1.27 35.61 -0.31
CA LEU B 52 -1.61 34.37 -1.00
C LEU B 52 -1.67 34.51 -2.52
N TRP B 53 -0.94 33.63 -3.21
CA TRP B 53 -0.89 33.62 -4.65
C TRP B 53 -2.20 33.10 -5.25
N ILE B 54 -2.91 34.00 -5.95
CA ILE B 54 -4.18 33.66 -6.57
C ILE B 54 -4.13 33.75 -8.09
N CYS B 55 -4.42 32.66 -8.77
CA CYS B 55 -4.40 32.63 -10.22
C CYS B 55 -5.81 32.62 -10.80
N ILE B 56 -6.07 33.52 -11.74
CA ILE B 56 -7.37 33.65 -12.39
C ILE B 56 -7.18 33.29 -13.86
N MET B 57 -7.95 32.33 -14.34
CA MET B 57 -7.83 31.94 -15.75
C MET B 57 -9.19 32.08 -16.40
N GLU B 58 -9.20 32.36 -17.70
CA GLU B 58 -10.45 32.55 -18.42
C GLU B 58 -10.99 31.24 -19.00
N GLY B 59 -12.26 30.96 -18.76
CA GLY B 59 -12.88 29.75 -19.25
C GLY B 59 -14.35 29.77 -18.89
N ASP B 60 -14.97 28.60 -18.76
CA ASP B 60 -16.39 28.52 -18.41
C ASP B 60 -16.63 28.71 -16.91
N SER B 61 -17.78 29.31 -16.57
CA SER B 61 -18.13 29.54 -15.18
C SER B 61 -18.77 28.29 -14.58
N LEU B 62 -18.76 28.18 -13.25
CA LEU B 62 -19.35 27.04 -12.57
C LEU B 62 -20.82 26.98 -12.95
N GLN B 63 -21.21 25.88 -13.61
CA GLN B 63 -22.59 25.70 -14.07
C GLN B 63 -23.63 25.70 -12.96
N GLU B 64 -23.18 25.45 -11.74
CA GLU B 64 -24.11 25.42 -10.62
C GLU B 64 -23.50 26.00 -9.36
N ARG B 65 -24.37 26.53 -8.50
CA ARG B 65 -23.94 27.10 -7.24
C ARG B 65 -23.98 26.02 -6.18
N THR B 66 -22.84 25.77 -5.54
CA THR B 66 -22.73 24.77 -4.48
C THR B 66 -22.23 25.50 -3.24
N TYR B 67 -22.03 24.77 -2.15
CA TYR B 67 -21.58 25.39 -0.91
C TYR B 67 -20.08 25.33 -0.66
N ASN B 68 -19.34 24.85 -1.65
CA ASN B 68 -17.88 24.77 -1.55
C ASN B 68 -17.43 26.23 -1.57
N HIS B 69 -16.47 26.60 -0.73
CA HIS B 69 -16.04 27.98 -0.73
C HIS B 69 -14.65 28.24 -0.21
N ILE B 70 -14.18 29.47 -0.45
CA ILE B 70 -12.88 29.93 -0.01
C ILE B 70 -13.19 31.08 0.93
N ALA B 71 -12.57 31.09 2.10
CA ALA B 71 -12.85 32.15 3.07
C ALA B 71 -11.60 32.91 3.45
N PHE B 72 -11.73 34.23 3.56
CA PHE B 72 -10.62 35.09 3.95
C PHE B 72 -10.91 35.69 5.31
N GLN B 73 -9.84 35.98 6.05
CA GLN B 73 -9.98 36.54 7.39
C GLN B 73 -9.97 38.06 7.43
N ILE B 74 -10.81 38.62 8.28
CA ILE B 74 -10.91 40.07 8.48
C ILE B 74 -11.19 40.25 9.97
N GLN B 75 -11.17 41.48 10.46
CA GLN B 75 -11.48 41.71 11.87
C GLN B 75 -12.99 41.89 11.96
N SER B 76 -13.59 41.49 13.08
CA SER B 76 -15.03 41.60 13.24
C SER B 76 -15.53 43.04 13.23
N GLU B 77 -14.61 43.98 13.36
CA GLU B 77 -14.96 45.39 13.37
C GLU B 77 -15.14 45.93 11.96
N GLU B 78 -14.60 45.22 10.97
CA GLU B 78 -14.71 45.63 9.58
C GLU B 78 -15.82 44.86 8.87
N VAL B 79 -16.58 44.08 9.63
CA VAL B 79 -17.67 43.31 9.05
C VAL B 79 -18.66 44.21 8.32
N ASP B 80 -19.20 45.20 9.01
CA ASP B 80 -20.17 46.12 8.40
C ASP B 80 -19.55 46.81 7.18
N GLU B 81 -18.28 47.18 7.29
CA GLU B 81 -17.53 47.83 6.22
C GLU B 81 -17.60 46.98 4.96
N TYR B 82 -17.06 45.77 5.06
CA TYR B 82 -17.04 44.84 3.94
C TYR B 82 -18.43 44.41 3.49
N THR B 83 -19.40 44.45 4.38
CA THR B 83 -20.75 44.08 4.00
C THR B 83 -21.20 45.09 2.96
N GLU B 84 -21.08 46.36 3.33
CA GLU B 84 -21.46 47.43 2.41
C GLU B 84 -20.59 47.48 1.16
N ARG B 85 -19.29 47.32 1.32
CA ARG B 85 -18.40 47.32 0.15
C ARG B 85 -18.88 46.30 -0.86
N ILE B 86 -19.31 45.16 -0.37
CA ILE B 86 -19.79 44.08 -1.21
C ILE B 86 -21.13 44.43 -1.86
N LYS B 87 -22.06 45.00 -1.10
CA LYS B 87 -23.36 45.39 -1.67
C LYS B 87 -23.16 46.38 -2.81
N ALA B 88 -22.05 47.11 -2.78
CA ALA B 88 -21.74 48.10 -3.79
C ALA B 88 -21.37 47.49 -5.13
N LEU B 89 -20.89 46.25 -5.13
CA LEU B 89 -20.52 45.57 -6.37
C LEU B 89 -21.75 44.95 -7.01
N GLY B 90 -22.85 44.94 -6.26
CA GLY B 90 -24.09 44.38 -6.76
C GLY B 90 -24.10 42.87 -6.87
N VAL B 91 -23.06 42.22 -6.37
CA VAL B 91 -23.00 40.75 -6.44
C VAL B 91 -24.05 40.11 -5.55
N GLU B 92 -24.39 38.87 -5.88
CA GLU B 92 -25.38 38.08 -5.15
C GLU B 92 -24.82 37.72 -3.76
N MET B 93 -25.34 38.36 -2.72
CA MET B 93 -24.84 38.14 -1.38
C MET B 93 -25.87 37.49 -0.46
N LYS B 94 -25.73 36.19 -0.21
CA LYS B 94 -26.65 35.47 0.66
C LYS B 94 -26.67 36.15 2.03
N PRO B 95 -27.85 36.59 2.49
CA PRO B 95 -27.94 37.25 3.80
C PRO B 95 -27.48 36.33 4.92
N GLU B 103 -17.77 32.45 17.96
CA GLU B 103 -16.46 32.88 17.37
C GLU B 103 -16.58 34.25 16.72
N GLY B 104 -17.20 34.29 15.55
CA GLY B 104 -17.36 35.56 14.85
C GLY B 104 -18.31 35.55 13.67
N ARG B 105 -18.55 36.75 13.12
CA ARG B 105 -19.44 36.93 11.99
C ARG B 105 -18.76 36.63 10.66
N SER B 106 -19.58 36.38 9.64
CA SER B 106 -19.06 36.08 8.31
C SER B 106 -19.95 36.66 7.21
N ILE B 107 -19.43 36.71 5.99
CA ILE B 107 -20.18 37.24 4.86
C ILE B 107 -20.00 36.30 3.67
N TYR B 108 -21.09 35.70 3.21
CA TYR B 108 -21.03 34.81 2.07
C TYR B 108 -21.54 35.56 0.84
N PHE B 109 -20.88 35.39 -0.28
CA PHE B 109 -21.27 36.07 -1.51
C PHE B 109 -20.60 35.42 -2.71
N TYR B 110 -21.23 35.55 -3.88
CA TYR B 110 -20.68 34.97 -5.10
C TYR B 110 -20.08 36.04 -6.00
N ASP B 111 -19.31 35.60 -7.01
CA ASP B 111 -18.73 36.51 -7.97
C ASP B 111 -19.59 36.35 -9.22
N PHE B 112 -19.04 36.55 -10.41
CA PHE B 112 -19.83 36.42 -11.65
C PHE B 112 -19.56 35.10 -12.34
N ASP B 113 -19.14 34.10 -11.56
CA ASP B 113 -18.83 32.81 -12.12
C ASP B 113 -19.30 31.69 -11.18
N ASN B 114 -20.19 32.06 -10.26
CA ASN B 114 -20.77 31.15 -9.29
C ASN B 114 -19.77 30.54 -8.32
N HIS B 115 -18.81 31.35 -7.88
CA HIS B 115 -17.85 30.89 -6.92
C HIS B 115 -18.39 31.42 -5.60
N LEU B 116 -18.36 30.61 -4.55
CA LEU B 116 -18.86 31.07 -3.27
C LEU B 116 -17.70 31.55 -2.42
N PHE B 117 -17.77 32.81 -2.01
CA PHE B 117 -16.73 33.38 -1.18
C PHE B 117 -17.27 33.72 0.19
N GLU B 118 -16.34 33.98 1.11
CA GLU B 118 -16.71 34.35 2.45
C GLU B 118 -15.60 35.17 3.10
N LEU B 119 -16.01 36.12 3.93
CA LEU B 119 -15.08 36.95 4.67
C LEU B 119 -15.44 36.57 6.09
N HIS B 120 -14.45 36.09 6.84
CA HIS B 120 -14.72 35.62 8.18
C HIS B 120 -14.00 36.35 9.30
N ALA B 121 -14.79 36.78 10.29
CA ALA B 121 -14.26 37.44 11.47
C ALA B 121 -14.10 36.36 12.54
N GLY B 122 -12.97 36.40 13.24
CA GLY B 122 -12.73 35.39 14.26
C GLY B 122 -11.80 34.36 13.68
N THR B 123 -11.00 33.75 14.53
CA THR B 123 -10.04 32.75 14.08
C THR B 123 -10.37 31.32 14.48
N LEU B 124 -9.49 30.41 14.06
CA LEU B 124 -9.61 29.00 14.34
C LEU B 124 -9.41 28.81 15.84
N GLU B 125 -8.36 29.43 16.37
CA GLU B 125 -8.06 29.36 17.80
C GLU B 125 -9.34 29.61 18.56
N GLN B 126 -10.07 30.64 18.14
CA GLN B 126 -11.33 31.00 18.77
C GLN B 126 -12.35 29.90 18.49
N ARG B 127 -12.80 29.83 17.24
CA ARG B 127 -13.79 28.84 16.81
C ARG B 127 -13.82 27.56 17.67
N LEU B 128 -12.66 27.01 17.97
CA LEU B 128 -12.56 25.80 18.76
C LEU B 128 -12.44 26.08 20.25
N LYS B 129 -11.24 26.48 20.67
CA LYS B 129 -10.95 26.79 22.07
C LYS B 129 -11.79 27.95 22.60
N MET C 1 -0.53 -33.77 -30.38
CA MET C 1 -0.07 -32.52 -29.72
C MET C 1 -0.58 -32.48 -28.29
N ILE C 2 -0.46 -31.30 -27.67
CA ILE C 2 -0.91 -31.08 -26.32
C ILE C 2 -2.43 -30.90 -26.41
N SER C 3 -3.17 -31.74 -25.70
CA SER C 3 -4.64 -31.73 -25.69
C SER C 3 -5.26 -30.47 -25.10
N GLY C 4 -4.60 -29.89 -24.11
CA GLY C 4 -5.11 -28.69 -23.47
C GLY C 4 -4.50 -28.53 -22.10
N LEU C 5 -5.20 -27.85 -21.20
CA LEU C 5 -4.69 -27.68 -19.85
C LEU C 5 -5.14 -28.86 -19.01
N SER C 6 -4.23 -29.41 -18.19
CA SER C 6 -4.58 -30.53 -17.32
C SER C 6 -4.95 -29.98 -15.97
N HIS C 7 -4.05 -29.20 -15.37
CA HIS C 7 -4.31 -28.62 -14.06
C HIS C 7 -3.26 -27.60 -13.63
N ILE C 8 -3.54 -26.91 -12.54
CA ILE C 8 -2.64 -25.93 -11.96
C ILE C 8 -2.49 -26.26 -10.47
N THR C 9 -1.27 -26.41 -9.99
CA THR C 9 -1.03 -26.72 -8.58
C THR C 9 -0.37 -25.57 -7.84
N LEU C 10 -0.98 -25.16 -6.73
CA LEU C 10 -0.45 -24.06 -5.93
C LEU C 10 -0.05 -24.55 -4.55
N ILE C 11 1.07 -24.02 -4.05
CA ILE C 11 1.51 -24.40 -2.72
C ILE C 11 1.12 -23.28 -1.77
N VAL C 12 0.51 -23.61 -0.64
CA VAL C 12 0.11 -22.60 0.34
C VAL C 12 0.45 -23.03 1.76
N LYS C 13 0.43 -22.09 2.69
CA LYS C 13 0.73 -22.42 4.08
C LYS C 13 -0.49 -22.96 4.84
N ASP C 14 -1.67 -22.43 4.55
CA ASP C 14 -2.90 -22.84 5.21
C ASP C 14 -3.97 -23.27 4.21
N LEU C 15 -4.04 -24.58 3.97
CA LEU C 15 -4.99 -25.18 3.02
C LEU C 15 -6.44 -24.82 3.23
N ASN C 16 -6.86 -24.72 4.48
CA ASN C 16 -8.26 -24.41 4.75
C ASN C 16 -8.56 -22.94 4.60
N LYS C 17 -7.57 -22.09 4.80
CA LYS C 17 -7.82 -20.68 4.60
C LYS C 17 -8.00 -20.48 3.10
N THR C 18 -7.05 -21.01 2.33
CA THR C 18 -7.08 -20.91 0.88
C THR C 18 -8.38 -21.47 0.33
N THR C 19 -8.86 -22.54 0.94
CA THR C 19 -10.10 -23.17 0.50
C THR C 19 -11.30 -22.23 0.59
N ALA C 20 -11.46 -21.55 1.72
CA ALA C 20 -12.58 -20.63 1.90
C ALA C 20 -12.48 -19.53 0.86
N PHE C 21 -11.24 -19.14 0.58
CA PHE C 21 -10.92 -18.12 -0.41
C PHE C 21 -11.41 -18.58 -1.78
N LEU C 22 -10.89 -19.73 -2.24
CA LEU C 22 -11.26 -20.23 -3.55
C LEU C 22 -12.75 -20.47 -3.67
N GLN C 23 -13.40 -20.76 -2.54
CA GLN C 23 -14.84 -21.01 -2.52
C GLN C 23 -15.64 -19.72 -2.58
N ASN C 24 -15.33 -18.79 -1.68
CA ASN C 24 -16.02 -17.53 -1.60
C ASN C 24 -15.84 -16.64 -2.81
N ILE C 25 -14.64 -16.64 -3.39
CA ILE C 25 -14.37 -15.80 -4.55
C ILE C 25 -14.66 -16.44 -5.90
N PHE C 26 -14.09 -17.61 -6.15
CA PHE C 26 -14.28 -18.28 -7.43
C PHE C 26 -15.39 -19.32 -7.42
N ASN C 27 -16.05 -19.48 -6.29
CA ASN C 27 -17.12 -20.47 -6.18
C ASN C 27 -16.53 -21.82 -6.56
N ALA C 28 -15.31 -22.07 -6.10
CA ALA C 28 -14.62 -23.33 -6.37
C ALA C 28 -15.41 -24.47 -5.76
N GLU C 29 -15.18 -25.67 -6.27
CA GLU C 29 -15.90 -26.84 -5.77
C GLU C 29 -14.90 -27.90 -5.30
N GLU C 30 -14.86 -28.15 -4.00
CA GLU C 30 -13.94 -29.14 -3.45
C GLU C 30 -14.44 -30.52 -3.89
N ILE C 31 -13.61 -31.25 -4.62
CA ILE C 31 -13.98 -32.57 -5.11
C ILE C 31 -12.99 -33.64 -4.69
N TYR C 32 -12.03 -33.28 -3.85
CA TYR C 32 -11.03 -34.22 -3.38
C TYR C 32 -10.23 -33.66 -2.21
N SER C 33 -10.08 -34.47 -1.17
CA SER C 33 -9.32 -34.08 0.00
C SER C 33 -8.49 -35.29 0.44
N SER C 34 -7.25 -35.05 0.82
CA SER C 34 -6.36 -36.13 1.23
C SER C 34 -5.21 -35.58 2.06
N GLY C 35 -4.32 -36.44 2.49
CA GLY C 35 -3.20 -35.97 3.28
C GLY C 35 -3.26 -36.49 4.69
N ASP C 36 -2.10 -36.80 5.25
CA ASP C 36 -2.01 -37.33 6.58
C ASP C 36 -0.73 -36.85 7.28
N LYS C 37 -0.90 -35.92 8.21
CA LYS C 37 0.22 -35.37 8.94
C LYS C 37 1.09 -36.45 9.60
N THR C 38 0.46 -37.43 10.25
CA THR C 38 1.19 -38.52 10.92
C THR C 38 1.72 -39.64 10.02
N PHE C 39 1.55 -39.50 8.71
CA PHE C 39 2.00 -40.54 7.79
C PHE C 39 2.92 -39.89 6.75
N SER C 40 3.42 -38.70 7.11
CA SER C 40 4.30 -37.90 6.27
C SER C 40 3.76 -37.77 4.85
N LEU C 41 2.57 -37.20 4.74
CA LEU C 41 1.90 -36.94 3.45
C LEU C 41 1.21 -35.57 3.56
N SER C 42 1.70 -34.61 2.78
CA SER C 42 1.15 -33.27 2.83
C SER C 42 -0.35 -33.21 2.54
N LYS C 43 -1.02 -32.29 3.22
CA LYS C 43 -2.44 -32.10 3.04
C LYS C 43 -2.60 -31.57 1.62
N GLU C 44 -3.77 -31.82 1.03
CA GLU C 44 -4.03 -31.33 -0.31
C GLU C 44 -5.49 -31.47 -0.70
N LYS C 45 -5.91 -30.67 -1.67
CA LYS C 45 -7.27 -30.69 -2.13
C LYS C 45 -7.37 -30.42 -3.62
N PHE C 46 -8.49 -30.80 -4.21
CA PHE C 46 -8.73 -30.61 -5.63
C PHE C 46 -10.01 -29.81 -5.74
N PHE C 47 -9.98 -28.80 -6.61
CA PHE C 47 -11.14 -27.96 -6.84
C PHE C 47 -11.38 -27.81 -8.32
N LEU C 48 -12.63 -27.50 -8.65
CA LEU C 48 -13.02 -27.24 -10.03
C LEU C 48 -13.48 -25.80 -10.04
N ILE C 49 -12.97 -25.04 -11.00
CA ILE C 49 -13.36 -23.66 -11.16
C ILE C 49 -13.64 -23.51 -12.65
N ALA C 50 -14.92 -23.33 -12.99
CA ALA C 50 -15.37 -23.19 -14.36
C ALA C 50 -14.82 -24.31 -15.21
N GLY C 51 -14.88 -25.53 -14.67
CA GLY C 51 -14.38 -26.69 -15.39
C GLY C 51 -12.88 -26.88 -15.31
N LEU C 52 -12.19 -26.01 -14.58
CA LEU C 52 -10.75 -26.10 -14.46
C LEU C 52 -10.27 -26.85 -13.21
N TRP C 53 -9.39 -27.83 -13.39
CA TRP C 53 -8.83 -28.64 -12.31
C TRP C 53 -7.76 -27.90 -11.51
N ILE C 54 -8.11 -27.45 -10.30
CA ILE C 54 -7.17 -26.74 -9.46
C ILE C 54 -6.75 -27.56 -8.27
N CYS C 55 -5.45 -27.61 -8.02
CA CYS C 55 -4.94 -28.36 -6.89
C CYS C 55 -4.25 -27.44 -5.91
N ILE C 56 -4.49 -27.65 -4.62
CA ILE C 56 -3.88 -26.84 -3.57
C ILE C 56 -3.16 -27.78 -2.60
N MET C 57 -1.87 -27.59 -2.43
CA MET C 57 -1.10 -28.44 -1.55
C MET C 57 -0.46 -27.60 -0.44
N GLU C 58 -0.57 -28.06 0.80
CA GLU C 58 0.03 -27.32 1.90
C GLU C 58 1.54 -27.56 1.90
N GLY C 59 2.32 -26.49 1.99
CA GLY C 59 3.76 -26.63 1.99
C GLY C 59 4.40 -25.38 2.56
N ASP C 60 5.72 -25.37 2.62
CA ASP C 60 6.43 -24.21 3.15
C ASP C 60 6.97 -23.33 2.02
N SER C 61 7.27 -23.93 0.89
CA SER C 61 7.79 -23.21 -0.26
C SER C 61 6.95 -21.97 -0.57
N LEU C 62 7.43 -20.81 -0.12
CA LEU C 62 6.70 -19.58 -0.40
C LEU C 62 7.28 -18.96 -1.65
N GLN C 63 6.42 -18.38 -2.47
CA GLN C 63 6.85 -17.78 -3.72
C GLN C 63 6.88 -16.27 -3.67
N GLU C 64 8.03 -15.72 -4.02
CA GLU C 64 8.25 -14.28 -4.08
C GLU C 64 7.12 -13.65 -4.89
N ARG C 65 6.83 -12.40 -4.60
CA ARG C 65 5.77 -11.69 -5.32
C ARG C 65 6.22 -11.23 -6.71
N THR C 66 5.54 -11.71 -7.75
CA THR C 66 5.87 -11.32 -9.12
C THR C 66 4.60 -11.04 -9.90
N TYR C 67 4.74 -10.57 -11.13
CA TYR C 67 3.58 -10.28 -11.96
C TYR C 67 3.12 -11.53 -12.73
N ASN C 68 3.67 -12.68 -12.38
CA ASN C 68 3.25 -13.94 -12.99
C ASN C 68 1.82 -14.15 -12.49
N HIS C 69 0.88 -14.46 -13.38
CA HIS C 69 -0.46 -14.65 -12.86
C HIS C 69 -1.38 -15.50 -13.69
N ILE C 70 -2.52 -15.83 -13.09
CA ILE C 70 -3.56 -16.64 -13.73
C ILE C 70 -4.79 -15.77 -13.74
N ALA C 71 -5.49 -15.71 -14.86
CA ALA C 71 -6.69 -14.87 -14.97
C ALA C 71 -7.90 -15.64 -15.38
N PHE C 72 -8.98 -15.45 -14.64
CA PHE C 72 -10.22 -16.12 -14.94
C PHE C 72 -11.16 -15.12 -15.59
N GLN C 73 -12.05 -15.63 -16.44
CA GLN C 73 -13.00 -14.80 -17.18
C GLN C 73 -14.30 -14.49 -16.43
N ILE C 74 -14.75 -13.25 -16.51
CA ILE C 74 -16.02 -12.83 -15.91
C ILE C 74 -16.67 -11.82 -16.86
N GLN C 75 -17.86 -11.34 -16.52
CA GLN C 75 -18.54 -10.38 -17.37
C GLN C 75 -18.40 -8.97 -16.81
N SER C 76 -18.34 -7.98 -17.69
CA SER C 76 -18.20 -6.57 -17.28
C SER C 76 -19.19 -6.14 -16.19
N GLU C 77 -20.46 -6.47 -16.37
CA GLU C 77 -21.45 -6.05 -15.39
C GLU C 77 -21.21 -6.62 -13.99
N GLU C 78 -20.34 -7.62 -13.89
CA GLU C 78 -20.06 -8.26 -12.60
C GLU C 78 -18.85 -7.69 -11.85
N VAL C 79 -17.98 -6.99 -12.57
CA VAL C 79 -16.77 -6.43 -11.98
C VAL C 79 -16.93 -5.72 -10.63
N ASP C 80 -17.96 -4.90 -10.49
CA ASP C 80 -18.16 -4.19 -9.23
C ASP C 80 -18.54 -5.15 -8.11
N GLU C 81 -19.38 -6.13 -8.43
CA GLU C 81 -19.84 -7.11 -7.44
C GLU C 81 -18.66 -7.91 -6.88
N TYR C 82 -17.75 -8.31 -7.77
CA TYR C 82 -16.57 -9.07 -7.41
C TYR C 82 -15.53 -8.20 -6.69
N THR C 83 -15.45 -6.94 -7.07
CA THR C 83 -14.51 -6.03 -6.43
C THR C 83 -14.94 -5.83 -4.98
N GLU C 84 -16.25 -5.78 -4.78
CA GLU C 84 -16.85 -5.60 -3.47
C GLU C 84 -16.71 -6.88 -2.65
N ARG C 85 -16.87 -8.02 -3.32
CA ARG C 85 -16.78 -9.32 -2.67
C ARG C 85 -15.37 -9.60 -2.15
N ILE C 86 -14.39 -9.45 -3.04
CA ILE C 86 -12.99 -9.67 -2.70
C ILE C 86 -12.59 -8.70 -1.59
N LYS C 87 -13.10 -7.48 -1.68
CA LYS C 87 -12.81 -6.45 -0.69
C LYS C 87 -13.35 -6.92 0.66
N ALA C 88 -14.57 -7.43 0.65
CA ALA C 88 -15.22 -7.92 1.86
C ALA C 88 -14.40 -8.97 2.58
N LEU C 89 -13.65 -9.75 1.82
CA LEU C 89 -12.82 -10.81 2.39
C LEU C 89 -11.57 -10.29 3.12
N GLY C 90 -11.08 -9.12 2.71
CA GLY C 90 -9.90 -8.57 3.36
C GLY C 90 -8.60 -8.94 2.68
N VAL C 91 -8.68 -9.61 1.53
CA VAL C 91 -7.48 -9.97 0.81
C VAL C 91 -6.89 -8.75 0.11
N GLU C 92 -5.58 -8.78 -0.14
CA GLU C 92 -4.91 -7.68 -0.80
C GLU C 92 -5.38 -7.51 -2.24
N MET C 93 -5.77 -6.29 -2.57
CA MET C 93 -6.27 -5.96 -3.91
C MET C 93 -5.57 -4.71 -4.41
N LYS C 94 -4.87 -4.81 -5.53
CA LYS C 94 -4.18 -3.64 -6.05
C LYS C 94 -5.18 -2.72 -6.77
N PRO C 95 -4.96 -1.41 -6.67
CA PRO C 95 -5.80 -0.38 -7.28
C PRO C 95 -6.05 -0.60 -8.75
N GLU C 96 -7.30 -0.41 -9.17
CA GLU C 96 -7.66 -0.59 -10.57
C GLU C 96 -6.95 0.47 -11.39
N ARG C 97 -6.33 0.05 -12.50
CA ARG C 97 -5.61 0.94 -13.38
C ARG C 97 -6.57 1.87 -14.12
N PRO C 98 -6.03 2.96 -14.71
CA PRO C 98 -6.88 3.90 -15.46
C PRO C 98 -7.61 3.15 -16.58
N ARG C 99 -8.91 3.40 -16.72
CA ARG C 99 -9.69 2.72 -17.75
C ARG C 99 -9.03 2.72 -19.13
N VAL C 100 -8.09 1.80 -19.32
CA VAL C 100 -7.34 1.68 -20.57
C VAL C 100 -7.47 0.27 -21.17
N GLY C 104 -10.63 -3.25 -21.53
CA GLY C 104 -11.33 -4.29 -20.70
C GLY C 104 -11.02 -4.17 -19.22
N ARG C 105 -12.06 -4.16 -18.40
CA ARG C 105 -11.90 -4.06 -16.94
C ARG C 105 -11.12 -5.23 -16.35
N SER C 106 -10.31 -4.96 -15.34
CA SER C 106 -9.53 -6.00 -14.68
C SER C 106 -9.49 -5.82 -13.15
N ILE C 107 -9.46 -6.95 -12.44
CA ILE C 107 -9.37 -6.92 -10.99
C ILE C 107 -8.16 -7.77 -10.63
N TYR C 108 -7.19 -7.18 -9.95
CA TYR C 108 -6.00 -7.93 -9.58
C TYR C 108 -5.92 -8.09 -8.09
N PHE C 109 -5.68 -9.33 -7.64
CA PHE C 109 -5.62 -9.59 -6.23
C PHE C 109 -4.81 -10.82 -5.86
N TYR C 110 -4.51 -10.93 -4.57
CA TYR C 110 -3.71 -12.01 -4.04
C TYR C 110 -4.46 -12.95 -3.12
N ASP C 111 -3.91 -14.15 -2.94
CA ASP C 111 -4.47 -15.11 -2.01
C ASP C 111 -3.60 -14.81 -0.79
N PHE C 112 -3.36 -15.78 0.08
CA PHE C 112 -2.54 -15.45 1.23
C PHE C 112 -1.12 -15.96 1.06
N ASP C 113 -0.77 -16.31 -0.18
CA ASP C 113 0.55 -16.84 -0.47
C ASP C 113 1.21 -16.30 -1.74
N ASN C 114 1.12 -14.98 -1.91
CA ASN C 114 1.71 -14.30 -3.05
C ASN C 114 1.30 -14.76 -4.44
N HIS C 115 0.16 -15.43 -4.55
CA HIS C 115 -0.28 -15.85 -5.86
C HIS C 115 -1.14 -14.70 -6.39
N LEU C 116 -0.78 -14.16 -7.54
CA LEU C 116 -1.54 -13.07 -8.13
C LEU C 116 -2.66 -13.62 -9.02
N PHE C 117 -3.89 -13.22 -8.73
CA PHE C 117 -5.04 -13.66 -9.51
C PHE C 117 -5.68 -12.47 -10.22
N GLU C 118 -6.30 -12.75 -11.36
CA GLU C 118 -6.96 -11.71 -12.14
C GLU C 118 -8.31 -12.14 -12.65
N LEU C 119 -9.30 -11.28 -12.43
CA LEU C 119 -10.65 -11.49 -12.93
C LEU C 119 -10.73 -10.50 -14.12
N HIS C 120 -10.82 -11.04 -15.34
CA HIS C 120 -10.87 -10.21 -16.55
C HIS C 120 -12.20 -10.23 -17.30
N ALA C 121 -12.69 -9.04 -17.65
CA ALA C 121 -13.96 -8.92 -18.36
C ALA C 121 -13.75 -8.86 -19.87
N GLY C 122 -12.51 -8.58 -20.27
CA GLY C 122 -12.19 -8.48 -21.68
C GLY C 122 -12.02 -9.81 -22.38
N THR C 123 -11.66 -9.74 -23.67
CA THR C 123 -11.46 -10.93 -24.50
C THR C 123 -10.15 -10.81 -25.27
N LEU C 124 -9.73 -11.94 -25.85
CA LEU C 124 -8.50 -11.99 -26.64
C LEU C 124 -8.76 -11.39 -28.01
N GLU C 125 -9.96 -11.59 -28.54
CA GLU C 125 -10.34 -11.08 -29.85
C GLU C 125 -10.30 -9.56 -29.96
N GLN C 126 -10.97 -8.88 -29.02
CA GLN C 126 -11.03 -7.43 -29.02
C GLN C 126 -9.70 -6.80 -28.67
N ARG C 127 -8.70 -7.64 -28.43
CA ARG C 127 -7.38 -7.15 -28.06
C ARG C 127 -6.36 -7.31 -29.20
N LEU C 128 -6.72 -8.10 -30.20
CA LEU C 128 -5.85 -8.34 -31.35
C LEU C 128 -6.39 -7.64 -32.60
N LYS C 129 -7.71 -7.39 -32.61
CA LYS C 129 -8.38 -6.75 -33.73
C LYS C 129 -8.07 -5.25 -33.76
N MET D 1 -20.36 -15.44 -11.57
CA MET D 1 -19.66 -16.75 -11.77
C MET D 1 -18.55 -16.66 -12.82
N ILE D 2 -17.50 -17.44 -12.59
CA ILE D 2 -16.36 -17.51 -13.50
C ILE D 2 -16.81 -18.38 -14.66
N SER D 3 -16.90 -17.80 -15.86
CA SER D 3 -17.34 -18.58 -17.02
C SER D 3 -16.20 -19.39 -17.63
N GLY D 4 -14.98 -19.17 -17.15
CA GLY D 4 -13.85 -19.92 -17.67
C GLY D 4 -12.48 -19.29 -17.42
N LEU D 5 -11.47 -19.87 -18.04
CA LEU D 5 -10.12 -19.37 -17.89
C LEU D 5 -9.92 -18.32 -18.97
N SER D 6 -9.37 -17.16 -18.60
CA SER D 6 -9.09 -16.10 -19.56
C SER D 6 -7.74 -16.31 -20.20
N HIS D 7 -6.68 -16.30 -19.37
CA HIS D 7 -5.32 -16.49 -19.87
C HIS D 7 -4.35 -16.70 -18.71
N ILE D 8 -3.10 -17.00 -19.04
CA ILE D 8 -2.05 -17.18 -18.05
C ILE D 8 -0.81 -16.35 -18.43
N THR D 9 -0.36 -15.49 -17.52
CA THR D 9 0.81 -14.66 -17.81
C THR D 9 2.08 -15.09 -17.09
N LEU D 10 3.14 -15.19 -17.86
CA LEU D 10 4.44 -15.59 -17.35
C LEU D 10 5.43 -14.48 -17.62
N ILE D 11 6.26 -14.17 -16.64
CA ILE D 11 7.26 -13.13 -16.78
C ILE D 11 8.59 -13.81 -17.11
N VAL D 12 9.12 -13.51 -18.30
CA VAL D 12 10.39 -14.10 -18.73
C VAL D 12 11.49 -13.08 -19.02
N LYS D 13 12.74 -13.51 -18.90
CA LYS D 13 13.90 -12.64 -19.12
C LYS D 13 14.24 -12.44 -20.61
N ASP D 14 14.01 -13.46 -21.42
CA ASP D 14 14.31 -13.42 -22.84
C ASP D 14 13.14 -13.94 -23.68
N LEU D 15 12.37 -13.03 -24.27
CA LEU D 15 11.20 -13.38 -25.07
C LEU D 15 11.45 -14.33 -26.23
N ASN D 16 12.58 -14.19 -26.91
CA ASN D 16 12.86 -15.06 -28.04
C ASN D 16 13.21 -16.49 -27.65
N LYS D 17 13.92 -16.66 -26.54
CA LYS D 17 14.32 -17.98 -26.09
C LYS D 17 13.10 -18.73 -25.60
N THR D 18 12.20 -18.03 -24.92
CA THR D 18 10.98 -18.67 -24.42
C THR D 18 10.08 -19.04 -25.59
N THR D 19 10.04 -18.17 -26.58
CA THR D 19 9.21 -18.39 -27.75
C THR D 19 9.56 -19.68 -28.50
N ALA D 20 10.84 -19.87 -28.81
CA ALA D 20 11.25 -21.09 -29.51
C ALA D 20 10.97 -22.31 -28.61
N PHE D 21 10.96 -22.08 -27.29
CA PHE D 21 10.71 -23.11 -26.31
C PHE D 21 9.26 -23.56 -26.40
N LEU D 22 8.33 -22.59 -26.34
CA LEU D 22 6.91 -22.88 -26.42
C LEU D 22 6.52 -23.47 -27.78
N GLN D 23 7.26 -23.10 -28.82
CA GLN D 23 6.98 -23.60 -30.16
C GLN D 23 7.48 -25.02 -30.40
N ASN D 24 8.72 -25.30 -30.02
CA ASN D 24 9.28 -26.63 -30.20
C ASN D 24 8.56 -27.71 -29.41
N ILE D 25 8.18 -27.39 -28.17
CA ILE D 25 7.54 -28.35 -27.30
C ILE D 25 6.02 -28.36 -27.28
N PHE D 26 5.42 -27.19 -27.11
CA PHE D 26 3.97 -27.09 -27.04
C PHE D 26 3.34 -26.77 -28.37
N ASN D 27 4.16 -26.50 -29.36
CA ASN D 27 3.65 -26.12 -30.67
C ASN D 27 2.76 -24.90 -30.49
N ALA D 28 3.20 -24.02 -29.59
CA ALA D 28 2.48 -22.80 -29.32
C ALA D 28 2.42 -21.96 -30.60
N GLU D 29 1.29 -21.29 -30.80
CA GLU D 29 1.12 -20.46 -31.98
C GLU D 29 1.17 -18.99 -31.55
N GLU D 30 2.23 -18.29 -31.95
CA GLU D 30 2.32 -16.88 -31.60
C GLU D 30 1.28 -16.15 -32.42
N ILE D 31 0.46 -15.33 -31.76
CA ILE D 31 -0.59 -14.59 -32.43
C ILE D 31 -0.48 -13.10 -32.18
N TYR D 32 0.57 -12.68 -31.47
CA TYR D 32 0.78 -11.27 -31.19
C TYR D 32 2.16 -10.96 -30.62
N SER D 33 2.70 -9.82 -31.02
CA SER D 33 4.01 -9.36 -30.56
C SER D 33 4.05 -7.83 -30.63
N SER D 34 4.73 -7.20 -29.69
CA SER D 34 4.83 -5.76 -29.67
C SER D 34 6.14 -5.29 -30.31
N GLY D 35 6.51 -4.03 -30.08
CA GLY D 35 7.75 -3.52 -30.65
C GLY D 35 8.00 -2.03 -30.47
N SER D 42 7.70 -2.70 -21.11
CA SER D 42 7.03 -4.02 -21.16
C SER D 42 6.83 -4.53 -22.60
N LYS D 43 7.66 -5.50 -22.98
CA LYS D 43 7.58 -6.12 -24.30
C LYS D 43 6.92 -7.48 -24.04
N GLU D 44 5.91 -7.80 -24.84
CA GLU D 44 5.18 -9.05 -24.62
C GLU D 44 4.85 -9.79 -25.91
N LYS D 45 4.24 -10.96 -25.74
CA LYS D 45 3.80 -11.82 -26.83
C LYS D 45 2.61 -12.63 -26.35
N PHE D 46 1.77 -13.04 -27.28
CA PHE D 46 0.58 -13.83 -26.94
C PHE D 46 0.63 -15.14 -27.71
N PHE D 47 0.35 -16.24 -27.01
CA PHE D 47 0.34 -17.54 -27.66
C PHE D 47 -0.93 -18.32 -27.38
N LEU D 48 -1.24 -19.23 -28.29
CA LEU D 48 -2.38 -20.11 -28.16
C LEU D 48 -1.79 -21.51 -28.08
N ILE D 49 -2.06 -22.19 -26.98
CA ILE D 49 -1.61 -23.57 -26.77
C ILE D 49 -2.87 -24.38 -26.48
N ALA D 50 -3.27 -25.20 -27.45
CA ALA D 50 -4.46 -26.02 -27.31
C ALA D 50 -5.63 -25.19 -26.81
N GLY D 51 -5.97 -24.15 -27.55
CA GLY D 51 -7.07 -23.29 -27.16
C GLY D 51 -6.85 -22.41 -25.95
N LEU D 52 -5.70 -22.52 -25.29
CA LEU D 52 -5.44 -21.68 -24.12
C LEU D 52 -4.60 -20.45 -24.46
N TRP D 53 -5.09 -19.29 -24.07
CA TRP D 53 -4.40 -18.01 -24.31
C TRP D 53 -3.28 -17.77 -23.30
N ILE D 54 -2.05 -17.89 -23.75
CA ILE D 54 -0.88 -17.69 -22.91
C ILE D 54 -0.15 -16.40 -23.28
N CYS D 55 0.32 -15.69 -22.27
CA CYS D 55 1.05 -14.45 -22.50
C CYS D 55 2.40 -14.43 -21.77
N ILE D 56 3.45 -14.02 -22.47
CA ILE D 56 4.77 -13.93 -21.85
C ILE D 56 5.31 -12.51 -21.99
N MET D 57 5.56 -11.88 -20.84
CA MET D 57 6.10 -10.53 -20.80
C MET D 57 7.56 -10.57 -20.37
N GLU D 58 8.29 -9.50 -20.68
CA GLU D 58 9.69 -9.43 -20.32
C GLU D 58 9.83 -8.94 -18.89
N GLY D 59 10.74 -9.57 -18.15
CA GLY D 59 10.95 -9.21 -16.75
C GLY D 59 11.86 -10.23 -16.09
N ASP D 60 11.94 -10.16 -14.77
CA ASP D 60 12.79 -11.09 -14.01
C ASP D 60 12.28 -12.52 -13.99
N SER D 61 13.22 -13.46 -13.98
CA SER D 61 12.88 -14.86 -13.90
C SER D 61 12.52 -14.99 -12.42
N LEU D 62 11.82 -16.06 -12.06
CA LEU D 62 11.48 -16.27 -10.64
C LEU D 62 12.82 -16.46 -9.96
N GLN D 63 13.02 -15.78 -8.84
CA GLN D 63 14.29 -15.90 -8.11
C GLN D 63 14.60 -17.35 -7.75
N GLU D 64 13.59 -18.08 -7.28
CA GLU D 64 13.80 -19.48 -6.95
C GLU D 64 12.70 -20.45 -7.39
N ARG D 65 13.00 -21.73 -7.30
CA ARG D 65 12.08 -22.78 -7.71
C ARG D 65 11.22 -23.32 -6.59
N THR D 66 9.95 -23.56 -6.90
CA THR D 66 9.01 -24.11 -5.93
C THR D 66 8.18 -25.13 -6.67
N TYR D 67 7.31 -25.84 -5.96
CA TYR D 67 6.49 -26.87 -6.57
C TYR D 67 5.21 -26.31 -7.22
N ASN D 68 5.03 -25.00 -7.13
CA ASN D 68 3.91 -24.36 -7.77
C ASN D 68 4.09 -24.72 -9.24
N HIS D 69 3.01 -25.04 -9.95
CA HIS D 69 3.15 -25.38 -11.36
C HIS D 69 1.87 -25.44 -12.19
N ILE D 70 2.08 -25.53 -13.50
CA ILE D 70 1.01 -25.58 -14.48
C ILE D 70 1.25 -26.85 -15.31
N ALA D 71 0.18 -27.61 -15.55
CA ALA D 71 0.32 -28.86 -16.29
C ALA D 71 -0.57 -28.95 -17.52
N PHE D 72 -0.02 -29.52 -18.59
CA PHE D 72 -0.75 -29.70 -19.83
C PHE D 72 -1.03 -31.19 -20.04
N GLN D 73 -2.15 -31.47 -20.70
CA GLN D 73 -2.59 -32.81 -20.99
C GLN D 73 -1.92 -33.44 -22.19
N ILE D 74 -1.55 -34.72 -22.07
CA ILE D 74 -0.98 -35.49 -23.18
C ILE D 74 -1.42 -36.92 -22.98
N GLN D 75 -1.30 -37.74 -24.04
CA GLN D 75 -1.67 -39.15 -23.96
C GLN D 75 -0.45 -39.92 -23.50
N SER D 76 -0.63 -40.84 -22.55
CA SER D 76 0.48 -41.63 -22.04
C SER D 76 1.37 -42.20 -23.14
N GLU D 77 0.76 -42.51 -24.29
CA GLU D 77 1.52 -43.06 -25.42
C GLU D 77 2.64 -42.10 -25.84
N GLU D 78 2.48 -40.83 -25.50
CA GLU D 78 3.45 -39.81 -25.89
C GLU D 78 4.51 -39.47 -24.86
N VAL D 79 4.38 -39.98 -23.64
CA VAL D 79 5.35 -39.69 -22.60
C VAL D 79 6.79 -39.81 -23.07
N ASP D 80 7.08 -40.88 -23.80
CA ASP D 80 8.43 -41.09 -24.32
C ASP D 80 8.84 -40.00 -25.31
N GLU D 81 7.96 -39.73 -26.26
CA GLU D 81 8.20 -38.72 -27.28
C GLU D 81 8.61 -37.40 -26.62
N TYR D 82 7.76 -36.90 -25.72
CA TYR D 82 8.03 -35.64 -25.07
C TYR D 82 9.20 -35.63 -24.10
N THR D 83 9.50 -36.77 -23.50
CA THR D 83 10.61 -36.83 -22.58
C THR D 83 11.89 -36.52 -23.36
N GLU D 84 11.95 -37.02 -24.58
CA GLU D 84 13.10 -36.82 -25.44
C GLU D 84 13.11 -35.43 -26.10
N ARG D 85 11.95 -34.97 -26.56
CA ARG D 85 11.84 -33.66 -27.19
C ARG D 85 12.29 -32.57 -26.21
N ILE D 86 11.93 -32.72 -24.94
CA ILE D 86 12.29 -31.75 -23.91
C ILE D 86 13.77 -31.81 -23.57
N LYS D 87 14.27 -33.04 -23.49
CA LYS D 87 15.68 -33.27 -23.18
C LYS D 87 16.57 -32.57 -24.22
N ALA D 88 16.05 -32.45 -25.45
CA ALA D 88 16.80 -31.82 -26.53
C ALA D 88 16.91 -30.29 -26.41
N LEU D 89 16.03 -29.70 -25.61
CA LEU D 89 16.07 -28.25 -25.42
C LEU D 89 17.04 -27.92 -24.31
N GLY D 90 17.64 -28.96 -23.75
CA GLY D 90 18.60 -28.78 -22.68
C GLY D 90 18.03 -28.33 -21.35
N VAL D 91 16.71 -28.44 -21.15
CA VAL D 91 16.14 -28.02 -19.87
C VAL D 91 16.17 -29.16 -18.85
N GLU D 92 16.36 -28.79 -17.58
CA GLU D 92 16.42 -29.74 -16.47
C GLU D 92 15.08 -30.43 -16.26
N MET D 93 15.12 -31.76 -16.15
CA MET D 93 13.91 -32.56 -15.94
C MET D 93 13.98 -33.33 -14.62
N LYS D 94 13.01 -33.08 -13.75
CA LYS D 94 12.94 -33.73 -12.45
C LYS D 94 12.70 -35.24 -12.58
N PRO D 95 13.02 -36.01 -11.53
CA PRO D 95 12.82 -37.46 -11.52
C PRO D 95 11.34 -37.77 -11.32
N GLU D 96 10.91 -38.99 -11.67
CA GLU D 96 9.51 -39.35 -11.51
C GLU D 96 9.09 -39.31 -10.04
N ARG D 97 7.92 -38.72 -9.79
CA ARG D 97 7.41 -38.61 -8.42
C ARG D 97 6.69 -39.86 -7.97
N PRO D 98 6.58 -40.06 -6.65
CA PRO D 98 5.89 -41.24 -6.11
C PRO D 98 4.44 -41.13 -6.53
N ARG D 99 3.72 -42.26 -6.60
CA ARG D 99 2.32 -42.22 -6.99
C ARG D 99 1.53 -43.51 -6.70
N VAL D 100 0.21 -43.40 -6.71
CA VAL D 100 -0.67 -44.55 -6.47
C VAL D 100 -1.09 -45.06 -7.84
N GLN D 101 -1.73 -46.23 -7.88
CA GLN D 101 -2.14 -46.83 -9.16
C GLN D 101 -3.04 -45.94 -10.03
N GLY D 102 -3.91 -45.16 -9.39
CA GLY D 102 -4.80 -44.29 -10.14
C GLY D 102 -4.11 -43.14 -10.88
N GLU D 103 -2.94 -42.74 -10.39
CA GLU D 103 -2.17 -41.66 -10.99
C GLU D 103 -1.54 -42.08 -12.30
N GLY D 104 -1.38 -41.12 -13.21
CA GLY D 104 -0.76 -41.40 -14.49
C GLY D 104 0.66 -40.89 -14.57
N ARG D 105 1.32 -41.11 -15.71
CA ARG D 105 2.70 -40.67 -15.90
C ARG D 105 2.77 -39.15 -16.06
N SER D 106 3.85 -38.56 -15.55
CA SER D 106 4.04 -37.12 -15.65
C SER D 106 5.48 -36.80 -16.06
N ILE D 107 5.68 -35.66 -16.71
CA ILE D 107 7.02 -35.22 -17.07
C ILE D 107 7.13 -33.85 -16.43
N TYR D 108 8.13 -33.67 -15.58
CA TYR D 108 8.33 -32.40 -14.92
C TYR D 108 9.60 -31.72 -15.38
N PHE D 109 9.50 -30.44 -15.73
CA PHE D 109 10.65 -29.68 -16.21
C PHE D 109 10.51 -28.19 -15.98
N TYR D 110 11.64 -27.51 -16.01
CA TYR D 110 11.66 -26.06 -15.81
C TYR D 110 11.99 -25.45 -17.16
N ASP D 111 11.59 -24.19 -17.35
CA ASP D 111 11.88 -23.46 -18.57
C ASP D 111 13.20 -22.74 -18.29
N PHE D 112 13.36 -21.51 -18.77
CA PHE D 112 14.61 -20.80 -18.52
C PHE D 112 14.37 -19.71 -17.50
N ASP D 113 13.25 -19.81 -16.78
CA ASP D 113 12.91 -18.80 -15.79
C ASP D 113 12.37 -19.39 -14.48
N ASN D 114 12.79 -20.62 -14.17
CA ASN D 114 12.37 -21.31 -12.96
C ASN D 114 10.88 -21.54 -12.83
N HIS D 115 10.18 -21.63 -13.97
CA HIS D 115 8.76 -21.90 -13.93
C HIS D 115 8.68 -23.41 -14.00
N LEU D 116 7.94 -24.03 -13.09
CA LEU D 116 7.81 -25.48 -13.14
C LEU D 116 6.64 -25.85 -14.04
N PHE D 117 6.93 -26.63 -15.08
CA PHE D 117 5.92 -27.09 -16.02
C PHE D 117 5.78 -28.59 -15.93
N GLU D 118 4.63 -29.10 -16.34
CA GLU D 118 4.34 -30.53 -16.32
C GLU D 118 3.52 -30.97 -17.53
N LEU D 119 3.83 -32.15 -18.04
CA LEU D 119 3.04 -32.73 -19.11
C LEU D 119 2.46 -33.97 -18.42
N HIS D 120 1.15 -33.97 -18.21
CA HIS D 120 0.52 -35.07 -17.52
C HIS D 120 -0.26 -36.02 -18.40
N ALA D 121 0.11 -37.28 -18.35
CA ALA D 121 -0.58 -38.32 -19.09
C ALA D 121 -1.61 -38.88 -18.12
N GLY D 122 -2.83 -38.37 -18.20
CA GLY D 122 -3.85 -38.85 -17.30
C GLY D 122 -4.92 -37.79 -17.16
N THR D 123 -6.11 -38.19 -16.74
CA THR D 123 -7.22 -37.27 -16.58
C THR D 123 -7.64 -37.19 -15.12
N LEU D 124 -8.44 -36.19 -14.79
CA LEU D 124 -8.93 -36.04 -13.42
C LEU D 124 -9.81 -37.25 -13.16
N GLU D 125 -10.63 -37.59 -14.14
CA GLU D 125 -11.53 -38.72 -14.08
C GLU D 125 -10.83 -39.96 -13.54
N GLN D 126 -9.75 -40.34 -14.19
CA GLN D 126 -8.96 -41.50 -13.80
C GLN D 126 -8.43 -41.47 -12.39
N ARG D 127 -7.97 -40.30 -11.96
CA ARG D 127 -7.41 -40.14 -10.62
C ARG D 127 -8.47 -40.34 -9.56
N LEU D 128 -9.58 -39.63 -9.69
CA LEU D 128 -10.68 -39.74 -8.74
C LEU D 128 -11.40 -41.08 -8.80
N LYS D 129 -11.03 -41.92 -9.77
CA LYS D 129 -11.66 -43.24 -9.93
C LYS D 129 -11.56 -44.02 -8.62
N ARG D 130 -10.35 -44.12 -8.08
CA ARG D 130 -10.11 -44.82 -6.82
C ARG D 130 -10.86 -44.11 -5.69
N TYR D 131 -10.47 -42.87 -5.43
CA TYR D 131 -11.11 -42.06 -4.38
C TYR D 131 -12.63 -42.10 -4.51
N HIS D 132 -13.13 -42.29 -5.73
CA HIS D 132 -14.56 -42.33 -6.00
C HIS D 132 -15.31 -43.30 -5.09
N MET E 1 23.52 -0.61 30.61
CA MET E 1 22.16 -1.11 30.25
C MET E 1 21.64 -0.48 28.95
N ILE E 2 20.49 -0.96 28.50
CA ILE E 2 19.88 -0.47 27.27
C ILE E 2 19.19 0.85 27.54
N SER E 3 19.38 1.82 26.66
CA SER E 3 18.77 3.14 26.84
C SER E 3 17.32 3.08 26.37
N GLY E 4 17.09 2.33 25.31
CA GLY E 4 15.74 2.20 24.78
C GLY E 4 15.82 1.59 23.40
N LEU E 5 14.74 1.71 22.63
CA LEU E 5 14.74 1.14 21.29
C LEU E 5 15.65 1.99 20.40
N SER E 6 16.48 1.34 19.59
CA SER E 6 17.38 2.04 18.70
C SER E 6 16.70 2.28 17.37
N HIS E 7 16.17 1.21 16.77
CA HIS E 7 15.48 1.29 15.49
C HIS E 7 15.05 -0.09 15.04
N ILE E 8 14.09 -0.17 14.11
CA ILE E 8 13.70 -1.46 13.59
C ILE E 8 14.00 -1.43 12.10
N THR E 9 14.49 -2.55 11.56
CA THR E 9 14.82 -2.60 10.15
C THR E 9 14.10 -3.71 9.39
N LEU E 10 13.33 -3.31 8.37
CA LEU E 10 12.56 -4.25 7.55
C LEU E 10 13.11 -4.31 6.14
N ILE E 11 12.99 -5.50 5.53
CA ILE E 11 13.47 -5.70 4.17
C ILE E 11 12.26 -5.87 3.27
N VAL E 12 12.26 -5.13 2.15
CA VAL E 12 11.15 -5.17 1.21
C VAL E 12 11.66 -5.26 -0.23
N LYS E 13 10.84 -5.84 -1.10
CA LYS E 13 11.22 -6.03 -2.49
C LYS E 13 11.29 -4.74 -3.29
N ASP E 14 10.29 -3.90 -3.13
CA ASP E 14 10.21 -2.63 -3.86
C ASP E 14 10.14 -1.50 -2.83
N LEU E 15 11.27 -0.82 -2.63
CA LEU E 15 11.35 0.28 -1.66
C LEU E 15 10.35 1.41 -1.90
N ASN E 16 10.13 1.74 -3.17
CA ASN E 16 9.22 2.83 -3.53
C ASN E 16 7.77 2.53 -3.15
N LYS E 17 7.28 1.34 -3.50
CA LYS E 17 5.91 0.95 -3.14
C LYS E 17 5.73 0.97 -1.63
N THR E 18 6.70 0.42 -0.92
CA THR E 18 6.65 0.38 0.54
C THR E 18 6.67 1.77 1.15
N THR E 19 7.48 2.66 0.58
CA THR E 19 7.59 4.04 1.09
C THR E 19 6.22 4.70 1.08
N ALA E 20 5.55 4.61 -0.07
CA ALA E 20 4.22 5.20 -0.23
C ALA E 20 3.29 4.62 0.83
N PHE E 21 3.54 3.36 1.18
CA PHE E 21 2.77 2.65 2.20
C PHE E 21 2.98 3.26 3.58
N LEU E 22 4.23 3.35 3.99
CA LEU E 22 4.55 3.93 5.28
C LEU E 22 4.07 5.36 5.39
N GLN E 23 4.23 6.14 4.31
CA GLN E 23 3.81 7.53 4.33
C GLN E 23 2.29 7.70 4.39
N ASN E 24 1.58 7.00 3.53
CA ASN E 24 0.14 7.09 3.50
C ASN E 24 -0.55 6.76 4.82
N ILE E 25 -0.30 5.56 5.34
CA ILE E 25 -0.92 5.09 6.56
C ILE E 25 -0.26 5.46 7.88
N PHE E 26 1.07 5.48 7.94
CA PHE E 26 1.76 5.81 9.19
C PHE E 26 2.23 7.27 9.30
N ASN E 27 1.95 8.09 8.29
CA ASN E 27 2.41 9.47 8.31
C ASN E 27 3.93 9.46 8.46
N ALA E 28 4.57 8.44 7.89
CA ALA E 28 6.00 8.29 7.96
C ALA E 28 6.73 9.54 7.43
N GLU E 29 7.73 9.98 8.18
CA GLU E 29 8.53 11.13 7.79
C GLU E 29 9.88 10.61 7.34
N GLU E 30 10.15 10.67 6.03
CA GLU E 30 11.44 10.22 5.50
C GLU E 30 12.51 11.21 5.93
N ILE E 31 13.63 10.71 6.45
CA ILE E 31 14.69 11.60 6.91
C ILE E 31 16.04 11.22 6.34
N TYR E 32 16.09 10.16 5.55
CA TYR E 32 17.33 9.71 4.98
C TYR E 32 17.05 8.77 3.81
N SER E 33 17.85 8.89 2.76
CA SER E 33 17.72 8.05 1.60
C SER E 33 19.12 7.81 1.04
N SER E 34 19.29 6.72 0.30
CA SER E 34 20.57 6.39 -0.29
C SER E 34 20.39 5.12 -1.08
N GLY E 35 21.45 4.68 -1.75
CA GLY E 35 21.36 3.48 -2.55
C GLY E 35 21.58 3.88 -3.98
N ASP E 36 22.05 2.94 -4.80
CA ASP E 36 22.32 3.20 -6.20
C ASP E 36 22.63 1.89 -6.91
N LYS E 37 21.66 1.37 -7.66
CA LYS E 37 21.82 0.11 -8.37
C LYS E 37 23.06 0.08 -9.25
N THR E 38 23.37 1.21 -9.88
CA THR E 38 24.54 1.29 -10.75
C THR E 38 25.81 1.08 -9.94
N PHE E 39 25.76 1.39 -8.65
CA PHE E 39 26.90 1.25 -7.78
C PHE E 39 26.73 0.01 -6.91
N SER E 40 25.67 -0.75 -7.22
CA SER E 40 25.34 -1.96 -6.48
C SER E 40 25.27 -1.70 -4.98
N LEU E 41 24.52 -0.67 -4.61
CA LEU E 41 24.32 -0.34 -3.21
C LEU E 41 22.82 -0.45 -3.03
N SER E 42 22.39 -1.39 -2.20
CA SER E 42 20.97 -1.57 -1.95
C SER E 42 20.37 -0.25 -1.49
N LYS E 43 19.16 0.03 -1.98
CA LYS E 43 18.53 1.26 -1.60
C LYS E 43 18.01 1.12 -0.19
N GLU E 44 17.89 2.24 0.51
CA GLU E 44 17.36 2.19 1.86
C GLU E 44 16.87 3.57 2.26
N LYS E 45 15.95 3.61 3.21
CA LYS E 45 15.38 4.85 3.68
C LYS E 45 15.13 4.80 5.18
N PHE E 46 15.20 5.96 5.81
CA PHE E 46 14.96 6.04 7.24
C PHE E 46 13.75 6.90 7.43
N PHE E 47 12.89 6.51 8.36
CA PHE E 47 11.68 7.28 8.63
C PHE E 47 11.50 7.40 10.11
N LEU E 48 10.65 8.32 10.50
CA LEU E 48 10.34 8.54 11.90
C LEU E 48 8.84 8.35 12.00
N ILE E 49 8.43 7.41 12.85
CA ILE E 49 7.02 7.15 13.08
C ILE E 49 6.87 7.20 14.59
N ALA E 50 6.25 8.26 15.08
CA ALA E 50 6.04 8.44 16.51
C ALA E 50 7.35 8.36 17.28
N GLY E 51 8.37 9.05 16.79
CA GLY E 51 9.66 9.05 17.46
C GLY E 51 10.46 7.79 17.24
N LEU E 52 9.85 6.82 16.58
CA LEU E 52 10.50 5.55 16.31
C LEU E 52 11.30 5.67 15.02
N TRP E 53 12.54 5.21 15.05
CA TRP E 53 13.40 5.26 13.88
C TRP E 53 13.25 3.93 13.11
N ILE E 54 12.69 4.03 11.90
CA ILE E 54 12.49 2.85 11.06
C ILE E 54 13.40 2.89 9.84
N CYS E 55 13.93 1.73 9.46
CA CYS E 55 14.81 1.62 8.32
C CYS E 55 14.26 0.60 7.33
N ILE E 56 14.06 1.01 6.08
CA ILE E 56 13.55 0.10 5.07
C ILE E 56 14.67 -0.09 4.06
N MET E 57 15.03 -1.34 3.83
CA MET E 57 16.11 -1.69 2.91
C MET E 57 15.56 -2.61 1.83
N GLU E 58 15.88 -2.27 0.57
CA GLU E 58 15.41 -3.06 -0.55
C GLU E 58 16.33 -4.26 -0.75
N GLY E 59 15.73 -5.44 -0.81
CA GLY E 59 16.50 -6.64 -1.00
C GLY E 59 15.57 -7.78 -1.35
N ASP E 60 16.13 -8.96 -1.60
CA ASP E 60 15.32 -10.13 -1.95
C ASP E 60 15.16 -11.15 -0.83
N SER E 61 14.98 -10.68 0.40
CA SER E 61 14.80 -11.60 1.52
C SER E 61 13.35 -11.59 1.93
N LEU E 62 12.65 -12.69 1.68
CA LEU E 62 11.25 -12.79 2.05
C LEU E 62 11.05 -13.72 3.23
N GLN E 63 10.41 -13.22 4.28
CA GLN E 63 10.14 -14.03 5.46
C GLN E 63 8.76 -14.66 5.30
N GLU E 64 8.55 -15.88 5.79
CA GLU E 64 7.23 -16.48 5.66
C GLU E 64 6.29 -15.70 6.58
N ARG E 65 4.98 -15.79 6.34
CA ARG E 65 4.03 -15.09 7.20
C ARG E 65 3.90 -15.75 8.57
N THR E 66 4.03 -14.99 9.63
CA THR E 66 3.91 -15.54 10.96
C THR E 66 3.12 -14.56 11.80
N TYR E 67 3.12 -14.78 13.12
CA TYR E 67 2.40 -13.93 14.04
C TYR E 67 3.35 -12.97 14.73
N ASN E 68 4.62 -13.02 14.35
CA ASN E 68 5.60 -12.09 14.88
C ASN E 68 5.05 -10.77 14.31
N HIS E 69 5.01 -9.72 15.11
CA HIS E 69 4.49 -8.47 14.61
C HIS E 69 4.89 -7.26 15.44
N ILE E 70 4.73 -6.08 14.84
CA ILE E 70 5.05 -4.83 15.49
C ILE E 70 3.72 -4.12 15.69
N ALA E 71 3.56 -3.44 16.80
CA ALA E 71 2.31 -2.74 17.08
C ALA E 71 2.51 -1.28 17.42
N PHE E 72 1.57 -0.45 16.95
CA PHE E 72 1.64 0.97 17.22
C PHE E 72 0.48 1.40 18.07
N GLN E 73 0.74 2.37 18.94
CA GLN E 73 -0.24 2.88 19.86
C GLN E 73 -1.18 3.92 19.24
N ILE E 74 -2.47 3.65 19.29
CA ILE E 74 -3.47 4.60 18.80
C ILE E 74 -4.54 4.74 19.87
N GLN E 75 -5.60 5.46 19.54
CA GLN E 75 -6.68 5.66 20.50
C GLN E 75 -7.94 4.89 20.10
N SER E 76 -8.77 4.61 21.11
CA SER E 76 -10.01 3.89 20.91
C SER E 76 -10.85 4.55 19.82
N GLU E 77 -10.86 5.88 19.82
CA GLU E 77 -11.65 6.66 18.88
C GLU E 77 -11.10 6.72 17.46
N GLU E 78 -9.85 6.34 17.28
CA GLU E 78 -9.23 6.41 15.96
C GLU E 78 -9.38 5.12 15.18
N VAL E 79 -9.77 4.05 15.87
CA VAL E 79 -9.93 2.75 15.24
C VAL E 79 -10.68 2.81 13.92
N ASP E 80 -11.85 3.44 13.93
CA ASP E 80 -12.66 3.54 12.72
C ASP E 80 -11.99 4.32 11.59
N GLU E 81 -11.26 5.38 11.93
CA GLU E 81 -10.57 6.20 10.93
C GLU E 81 -9.39 5.46 10.31
N TYR E 82 -8.63 4.72 11.12
CA TYR E 82 -7.49 3.97 10.57
C TYR E 82 -7.96 2.81 9.71
N THR E 83 -9.06 2.17 10.11
CA THR E 83 -9.61 1.05 9.36
C THR E 83 -9.85 1.55 7.94
N GLU E 84 -10.50 2.71 7.87
CA GLU E 84 -10.83 3.38 6.61
C GLU E 84 -9.54 3.69 5.82
N ARG E 85 -8.59 4.32 6.49
CA ARG E 85 -7.33 4.65 5.87
C ARG E 85 -6.67 3.40 5.32
N ILE E 86 -6.79 2.29 6.03
CA ILE E 86 -6.19 1.05 5.55
C ILE E 86 -6.96 0.41 4.38
N LYS E 87 -8.29 0.40 4.42
CA LYS E 87 -9.03 -0.19 3.30
C LYS E 87 -8.61 0.53 2.02
N ALA E 88 -8.48 1.85 2.12
CA ALA E 88 -8.08 2.66 0.98
C ALA E 88 -6.82 2.15 0.30
N LEU E 89 -5.85 1.69 1.09
CA LEU E 89 -4.60 1.17 0.54
C LEU E 89 -4.76 -0.15 -0.20
N GLY E 90 -5.78 -0.92 0.15
CA GLY E 90 -5.99 -2.20 -0.51
C GLY E 90 -5.07 -3.31 0.00
N VAL E 91 -4.54 -3.14 1.20
CA VAL E 91 -3.66 -4.15 1.78
C VAL E 91 -4.49 -5.18 2.54
N GLU E 92 -4.03 -6.42 2.60
CA GLU E 92 -4.77 -7.46 3.31
C GLU E 92 -5.00 -7.13 4.79
N MET E 93 -6.24 -7.22 5.24
CA MET E 93 -6.55 -6.96 6.64
C MET E 93 -7.10 -8.22 7.30
N LYS E 94 -6.61 -8.51 8.50
CA LYS E 94 -7.05 -9.67 9.25
C LYS E 94 -8.42 -9.39 9.87
N PRO E 95 -9.23 -10.44 10.07
CA PRO E 95 -10.55 -10.27 10.68
C PRO E 95 -10.36 -9.91 12.15
N GLU E 96 -11.44 -9.57 12.84
CA GLU E 96 -11.34 -9.22 14.27
C GLU E 96 -10.77 -10.42 15.05
N ARG E 97 -10.02 -10.12 16.10
CA ARG E 97 -9.40 -11.17 16.89
C ARG E 97 -10.15 -11.42 18.21
N PRO E 98 -10.22 -12.68 18.64
CA PRO E 98 -10.93 -12.96 19.90
C PRO E 98 -10.12 -12.26 20.98
N ARG E 99 -10.79 -11.63 21.94
CA ARG E 99 -10.08 -10.94 23.01
C ARG E 99 -10.73 -11.12 24.37
N VAL E 100 -10.01 -10.77 25.42
CA VAL E 100 -10.54 -10.90 26.78
C VAL E 100 -11.00 -9.51 27.23
N GLN E 101 -10.71 -9.17 28.48
CA GLN E 101 -11.10 -7.88 29.01
C GLN E 101 -9.89 -7.15 29.57
N GLY E 102 -9.79 -5.88 29.22
CA GLY E 102 -8.65 -5.09 29.66
C GLY E 102 -7.82 -4.75 28.44
N GLU E 103 -7.89 -5.62 27.44
CA GLU E 103 -7.15 -5.39 26.22
C GLU E 103 -8.10 -4.74 25.23
N GLY E 104 -7.66 -3.63 24.65
CA GLY E 104 -8.51 -2.92 23.71
C GLY E 104 -8.56 -3.59 22.36
N ARG E 105 -9.16 -2.87 21.41
CA ARG E 105 -9.31 -3.36 20.06
C ARG E 105 -7.99 -3.20 19.33
N SER E 106 -7.89 -3.82 18.16
CA SER E 106 -6.69 -3.74 17.35
C SER E 106 -7.08 -3.89 15.90
N ILE E 107 -6.19 -3.46 15.02
CA ILE E 107 -6.39 -3.60 13.58
C ILE E 107 -5.11 -4.22 13.08
N TYR E 108 -5.21 -5.42 12.53
CA TYR E 108 -4.06 -6.14 12.00
C TYR E 108 -4.07 -6.09 10.49
N PHE E 109 -2.89 -5.91 9.90
CA PHE E 109 -2.79 -5.84 8.46
C PHE E 109 -1.34 -6.04 8.03
N TYR E 110 -1.16 -6.32 6.74
CA TYR E 110 0.17 -6.54 6.16
C TYR E 110 0.59 -5.41 5.19
N ASP E 111 1.89 -5.37 4.90
CA ASP E 111 2.40 -4.43 3.94
C ASP E 111 2.48 -5.32 2.69
N PHE E 112 3.54 -5.23 1.92
CA PHE E 112 3.64 -6.04 0.71
C PHE E 112 4.71 -7.12 0.77
N ASP E 113 5.39 -7.22 1.91
CA ASP E 113 6.48 -8.17 2.08
C ASP E 113 6.26 -9.01 3.35
N ASN E 114 5.02 -9.43 3.56
CA ASN E 114 4.66 -10.24 4.71
C ASN E 114 5.06 -9.72 6.07
N HIS E 115 5.09 -8.40 6.25
CA HIS E 115 5.37 -7.87 7.58
C HIS E 115 3.98 -7.59 8.12
N LEU E 116 3.65 -8.20 9.24
CA LEU E 116 2.35 -8.02 9.87
C LEU E 116 2.40 -6.84 10.84
N PHE E 117 1.47 -5.91 10.68
CA PHE E 117 1.40 -4.73 11.54
C PHE E 117 0.13 -4.71 12.37
N GLU E 118 0.20 -3.99 13.47
CA GLU E 118 -0.94 -3.84 14.35
C GLU E 118 -1.07 -2.40 14.86
N LEU E 119 -2.29 -1.88 14.85
CA LEU E 119 -2.53 -0.57 15.41
C LEU E 119 -3.39 -0.94 16.61
N HIS E 120 -2.81 -0.87 17.79
CA HIS E 120 -3.50 -1.25 19.02
C HIS E 120 -4.04 -0.08 19.84
N ALA E 121 -5.33 -0.14 20.16
CA ALA E 121 -6.00 0.91 20.92
C ALA E 121 -5.99 0.72 22.44
N GLY E 122 -5.19 -0.22 22.93
CA GLY E 122 -5.14 -0.43 24.37
C GLY E 122 -3.74 -0.28 24.93
N THR E 123 -3.65 -0.12 26.25
CA THR E 123 -2.34 -0.01 26.90
C THR E 123 -2.08 -1.25 27.73
N LEU E 124 -0.83 -1.43 28.10
CA LEU E 124 -0.43 -2.57 28.93
C LEU E 124 -1.12 -2.38 30.28
N GLU E 125 -1.54 -1.14 30.53
CA GLU E 125 -2.23 -0.78 31.77
C GLU E 125 -3.58 -1.47 31.85
N GLN E 126 -4.53 -0.97 31.04
CA GLN E 126 -5.87 -1.53 31.01
C GLN E 126 -5.79 -3.05 30.98
N ARG E 127 -4.85 -3.59 30.21
CA ARG E 127 -4.73 -5.03 30.10
C ARG E 127 -4.39 -5.70 31.42
N LEU E 128 -3.28 -5.31 32.04
CA LEU E 128 -2.89 -5.90 33.31
C LEU E 128 -3.66 -5.35 34.51
N LYS E 129 -4.55 -4.39 34.26
CA LYS E 129 -5.34 -3.80 35.34
C LYS E 129 -6.31 -4.87 35.88
N ARG E 130 -6.96 -5.59 34.98
CA ARG E 130 -7.89 -6.65 35.35
C ARG E 130 -7.24 -7.59 36.35
N TYR E 131 -6.34 -8.43 35.86
CA TYR E 131 -5.60 -9.38 36.68
C TYR E 131 -4.62 -8.68 37.61
N MET F 1 -3.46 10.68 16.32
CA MET F 1 -2.47 10.01 15.45
C MET F 1 -1.71 9.00 16.29
N ILE F 2 -0.75 8.32 15.66
CA ILE F 2 0.05 7.31 16.33
C ILE F 2 0.96 7.82 17.45
N SER F 3 0.51 7.61 18.69
CA SER F 3 1.23 8.01 19.90
C SER F 3 2.67 7.54 19.93
N GLY F 4 2.86 6.25 19.63
CA GLY F 4 4.18 5.66 19.63
C GLY F 4 4.10 4.17 19.35
N LEU F 5 5.11 3.42 19.79
CA LEU F 5 5.13 1.97 19.61
C LEU F 5 4.34 1.32 20.74
N SER F 6 3.38 0.45 20.41
CA SER F 6 2.61 -0.22 21.46
C SER F 6 3.40 -1.38 22.05
N HIS F 7 3.88 -2.26 21.17
CA HIS F 7 4.65 -3.38 21.62
C HIS F 7 5.14 -4.17 20.43
N ILE F 8 6.04 -5.12 20.68
CA ILE F 8 6.57 -5.99 19.65
C ILE F 8 6.36 -7.41 20.13
N THR F 9 5.79 -8.25 19.27
CA THR F 9 5.52 -9.63 19.62
C THR F 9 6.32 -10.63 18.80
N LEU F 10 7.07 -11.47 19.50
CA LEU F 10 7.91 -12.47 18.86
C LEU F 10 7.37 -13.87 19.15
N ILE F 11 7.47 -14.77 18.18
CA ILE F 11 7.01 -16.13 18.34
C ILE F 11 8.21 -17.03 18.58
N VAL F 12 8.15 -17.82 19.65
CA VAL F 12 9.24 -18.72 19.98
C VAL F 12 8.73 -20.09 20.41
N LYS F 13 9.48 -21.14 20.09
CA LYS F 13 9.11 -22.50 20.44
C LYS F 13 9.28 -22.82 21.93
N ASP F 14 10.21 -22.14 22.59
CA ASP F 14 10.49 -22.38 24.00
C ASP F 14 10.53 -21.10 24.84
N LEU F 15 9.43 -20.79 25.53
CA LEU F 15 9.34 -19.60 26.35
C LEU F 15 10.40 -19.43 27.44
N ASN F 16 10.90 -20.54 27.98
CA ASN F 16 11.87 -20.46 29.05
C ASN F 16 13.26 -20.03 28.64
N LYS F 17 13.74 -20.52 27.50
CA LYS F 17 15.06 -20.13 27.02
C LYS F 17 15.00 -18.66 26.65
N THR F 18 14.05 -18.34 25.79
CA THR F 18 13.86 -16.98 25.34
C THR F 18 13.86 -16.04 26.52
N THR F 19 13.28 -16.46 27.63
CA THR F 19 13.24 -15.62 28.82
C THR F 19 14.66 -15.38 29.32
N ALA F 20 15.46 -16.44 29.45
CA ALA F 20 16.83 -16.30 29.90
C ALA F 20 17.50 -15.30 28.94
N PHE F 21 17.50 -15.66 27.65
CA PHE F 21 18.07 -14.83 26.58
C PHE F 21 17.74 -13.35 26.78
N LEU F 22 16.46 -13.03 26.92
CA LEU F 22 16.05 -11.64 27.10
C LEU F 22 16.55 -11.02 28.41
N GLN F 23 16.68 -11.86 29.43
CA GLN F 23 17.15 -11.37 30.73
C GLN F 23 18.68 -11.21 30.76
N ASN F 24 19.39 -12.26 30.37
CA ASN F 24 20.85 -12.23 30.39
C ASN F 24 21.42 -11.09 29.56
N ILE F 25 20.89 -10.90 28.37
CA ILE F 25 21.37 -9.87 27.45
C ILE F 25 20.73 -8.49 27.56
N PHE F 26 19.42 -8.42 27.77
CA PHE F 26 18.77 -7.12 27.85
C PHE F 26 18.25 -6.78 29.24
N ASN F 27 18.49 -7.66 30.20
CA ASN F 27 17.98 -7.43 31.55
C ASN F 27 16.47 -7.28 31.45
N ALA F 28 15.86 -8.14 30.63
CA ALA F 28 14.41 -8.10 30.44
C ALA F 28 13.71 -8.19 31.78
N GLU F 29 12.55 -7.55 31.90
CA GLU F 29 11.80 -7.57 33.14
C GLU F 29 10.44 -8.23 32.91
N GLU F 30 10.29 -9.46 33.41
CA GLU F 30 9.03 -10.18 33.26
C GLU F 30 7.96 -9.54 34.12
N ILE F 31 6.81 -9.25 33.51
CA ILE F 31 5.73 -8.60 34.24
C ILE F 31 4.40 -9.34 34.10
N TYR F 32 4.39 -10.42 33.34
CA TYR F 32 3.16 -11.17 33.12
C TYR F 32 3.46 -12.51 32.51
N SER F 33 2.68 -13.51 32.89
CA SER F 33 2.85 -14.85 32.38
C SER F 33 1.47 -15.50 32.27
N SER F 34 1.15 -16.04 31.11
CA SER F 34 -0.15 -16.66 30.90
C SER F 34 -0.11 -17.79 29.90
N GLY F 35 -0.83 -18.85 30.22
CA GLY F 35 -0.87 -20.00 29.34
C GLY F 35 -1.45 -21.20 30.06
N ASP F 36 -2.01 -22.11 29.28
CA ASP F 36 -2.61 -23.32 29.81
C ASP F 36 -2.80 -24.28 28.65
N LYS F 37 -1.83 -25.17 28.49
CA LYS F 37 -1.84 -26.17 27.43
C LYS F 37 -2.85 -27.28 27.65
N THR F 38 -3.49 -27.31 28.82
CA THR F 38 -4.48 -28.36 29.07
C THR F 38 -5.87 -27.80 28.80
N PHE F 39 -5.89 -26.50 28.47
CA PHE F 39 -7.10 -25.76 28.18
C PHE F 39 -6.91 -25.09 26.80
N SER F 40 -5.93 -25.61 26.06
CA SER F 40 -5.57 -25.11 24.74
C SER F 40 -5.52 -23.61 24.59
N LEU F 41 -4.65 -22.99 25.40
CA LEU F 41 -4.41 -21.56 25.38
C LEU F 41 -2.90 -21.39 25.19
N SER F 42 -2.50 -20.51 24.28
CA SER F 42 -1.09 -20.29 24.00
C SER F 42 -0.30 -19.73 25.18
N LYS F 43 0.93 -20.22 25.35
CA LYS F 43 1.79 -19.77 26.43
C LYS F 43 2.41 -18.45 26.00
N GLU F 44 2.34 -17.43 26.85
CA GLU F 44 2.91 -16.12 26.54
C GLU F 44 3.42 -15.36 27.77
N LYS F 45 4.37 -14.46 27.56
CA LYS F 45 4.94 -13.69 28.66
C LYS F 45 5.31 -12.28 28.24
N PHE F 46 4.88 -11.29 29.00
CA PHE F 46 5.20 -9.91 28.68
C PHE F 46 6.41 -9.45 29.47
N PHE F 47 7.32 -8.75 28.77
CA PHE F 47 8.51 -8.21 29.40
C PHE F 47 8.58 -6.74 29.09
N LEU F 48 9.47 -6.05 29.80
CA LEU F 48 9.72 -4.65 29.61
C LEU F 48 11.22 -4.56 29.36
N ILE F 49 11.60 -3.83 28.32
CA ILE F 49 13.01 -3.65 28.00
C ILE F 49 13.16 -2.18 27.68
N ALA F 50 13.76 -1.44 28.61
CA ALA F 50 13.96 -0.01 28.48
C ALA F 50 12.61 0.67 28.19
N GLY F 51 11.60 0.29 28.95
CA GLY F 51 10.27 0.87 28.77
C GLY F 51 9.46 0.28 27.63
N LEU F 52 10.06 -0.62 26.84
CA LEU F 52 9.36 -1.22 25.72
C LEU F 52 8.68 -2.55 26.04
N TRP F 53 7.38 -2.62 25.77
CA TRP F 53 6.58 -3.81 26.01
C TRP F 53 6.84 -4.86 24.93
N ILE F 54 7.58 -5.90 25.31
CA ILE F 54 7.92 -6.99 24.42
C ILE F 54 7.09 -8.20 24.80
N CYS F 55 6.49 -8.85 23.82
CA CYS F 55 5.65 -10.00 24.08
C CYS F 55 6.13 -11.25 23.36
N ILE F 56 6.35 -12.33 24.10
CA ILE F 56 6.77 -13.58 23.47
C ILE F 56 5.65 -14.61 23.56
N MET F 57 5.50 -15.42 22.52
CA MET F 57 4.45 -16.42 22.46
C MET F 57 4.90 -17.73 21.83
N GLU F 58 4.36 -18.83 22.37
CA GLU F 58 4.71 -20.16 21.89
C GLU F 58 4.21 -20.39 20.48
N GLY F 59 5.13 -20.79 19.61
CA GLY F 59 4.77 -21.06 18.23
C GLY F 59 6.01 -21.50 17.49
N ASP F 60 5.88 -21.74 16.19
CA ASP F 60 7.03 -22.18 15.41
C ASP F 60 8.06 -21.09 15.36
N SER F 61 9.29 -21.47 15.05
CA SER F 61 10.38 -20.54 14.92
C SER F 61 10.38 -20.04 13.48
N LEU F 62 11.05 -18.93 13.22
CA LEU F 62 11.13 -18.43 11.86
C LEU F 62 11.76 -19.58 11.09
N GLN F 63 11.17 -19.91 9.94
CA GLN F 63 11.66 -21.02 9.12
C GLN F 63 13.06 -20.76 8.57
N GLU F 64 13.36 -19.51 8.28
CA GLU F 64 14.67 -19.15 7.74
C GLU F 64 15.03 -17.77 8.29
N ARG F 65 16.32 -17.51 8.48
CA ARG F 65 16.71 -16.22 9.01
C ARG F 65 16.95 -15.21 7.90
N THR F 66 16.55 -13.97 8.14
CA THR F 66 16.70 -12.88 7.17
C THR F 66 17.33 -11.68 7.86
N TYR F 67 17.47 -10.57 7.16
CA TYR F 67 18.09 -9.40 7.75
C TYR F 67 17.13 -8.44 8.42
N ASN F 68 15.88 -8.87 8.57
CA ASN F 68 14.89 -8.05 9.27
C ASN F 68 15.32 -8.14 10.72
N HIS F 69 15.51 -6.99 11.38
CA HIS F 69 15.95 -7.02 12.77
C HIS F 69 15.42 -5.90 13.65
N ILE F 70 15.67 -6.06 14.94
CA ILE F 70 15.25 -5.09 15.93
C ILE F 70 16.53 -4.70 16.64
N ALA F 71 16.66 -3.43 17.01
CA ALA F 71 17.88 -2.98 17.65
C ALA F 71 17.63 -2.09 18.85
N PHE F 72 18.37 -2.38 19.91
CA PHE F 72 18.28 -1.60 21.14
C PHE F 72 19.55 -0.78 21.22
N GLN F 73 19.47 0.35 21.92
CA GLN F 73 20.59 1.25 22.03
C GLN F 73 21.43 1.13 23.30
N ILE F 74 22.75 1.05 23.12
CA ILE F 74 23.70 0.95 24.21
C ILE F 74 24.86 1.92 23.95
N GLN F 75 25.60 2.27 25.00
CA GLN F 75 26.72 3.19 24.86
C GLN F 75 27.86 2.51 24.10
N SER F 76 28.64 3.30 23.37
CA SER F 76 29.74 2.75 22.58
C SER F 76 30.90 2.20 23.40
N GLU F 77 30.89 2.49 24.70
CA GLU F 77 31.93 2.01 25.60
C GLU F 77 31.55 0.63 26.12
N GLU F 78 30.24 0.43 26.27
CA GLU F 78 29.68 -0.82 26.75
C GLU F 78 29.68 -1.89 25.67
N VAL F 79 30.12 -1.53 24.47
CA VAL F 79 30.15 -2.47 23.36
C VAL F 79 30.99 -3.70 23.69
N ASP F 80 32.26 -3.52 24.00
CA ASP F 80 33.11 -4.66 24.33
C ASP F 80 32.56 -5.39 25.55
N GLU F 81 31.87 -4.68 26.43
CA GLU F 81 31.27 -5.29 27.62
C GLU F 81 30.24 -6.31 27.14
N TYR F 82 29.25 -5.82 26.39
CA TYR F 82 28.18 -6.67 25.86
C TYR F 82 28.70 -7.77 24.95
N THR F 83 29.62 -7.44 24.07
CA THR F 83 30.17 -8.43 23.15
C THR F 83 30.70 -9.62 23.94
N GLU F 84 31.19 -9.34 25.14
CA GLU F 84 31.74 -10.36 26.02
C GLU F 84 30.62 -11.19 26.63
N ARG F 85 29.70 -10.50 27.29
CA ARG F 85 28.56 -11.15 27.94
C ARG F 85 27.89 -12.14 26.99
N ILE F 86 27.57 -11.68 25.78
CA ILE F 86 26.93 -12.52 24.78
C ILE F 86 27.75 -13.74 24.42
N LYS F 87 29.07 -13.57 24.40
CA LYS F 87 29.96 -14.68 24.06
C LYS F 87 29.82 -15.82 25.06
N ALA F 88 29.94 -15.49 26.33
CA ALA F 88 29.82 -16.50 27.39
C ALA F 88 28.53 -17.28 27.22
N LEU F 89 27.42 -16.56 27.02
CA LEU F 89 26.11 -17.18 26.87
C LEU F 89 26.01 -18.13 25.67
N GLY F 90 27.08 -18.22 24.89
CA GLY F 90 27.07 -19.11 23.74
C GLY F 90 26.18 -18.62 22.62
N VAL F 91 25.70 -17.39 22.73
CA VAL F 91 24.85 -16.80 21.71
C VAL F 91 25.72 -16.41 20.51
N GLU F 92 25.48 -17.06 19.37
CA GLU F 92 26.29 -16.78 18.18
C GLU F 92 26.09 -15.36 17.64
N MET F 93 27.21 -14.69 17.42
CA MET F 93 27.22 -13.32 16.92
C MET F 93 27.68 -13.24 15.46
N LYS F 94 27.13 -12.30 14.70
CA LYS F 94 27.50 -12.11 13.30
C LYS F 94 28.68 -11.16 13.26
N PRO F 95 29.65 -11.41 12.35
CA PRO F 95 30.84 -10.57 12.20
C PRO F 95 30.48 -9.14 11.76
N GLU F 96 31.40 -8.20 11.98
CA GLU F 96 31.16 -6.81 11.60
C GLU F 96 30.51 -6.64 10.23
N ARG F 97 29.50 -5.78 10.18
CA ARG F 97 28.80 -5.53 8.93
C ARG F 97 29.37 -4.24 8.32
N PRO F 98 29.56 -4.21 6.99
CA PRO F 98 30.10 -3.07 6.26
C PRO F 98 29.55 -1.72 6.75
N ARG F 99 30.44 -0.75 6.93
CA ARG F 99 30.07 0.56 7.42
C ARG F 99 30.60 1.73 6.59
N VAL F 100 30.05 2.91 6.84
CA VAL F 100 30.45 4.12 6.14
C VAL F 100 30.74 5.21 7.18
N GLN F 101 31.14 6.39 6.73
CA GLN F 101 31.43 7.49 7.65
C GLN F 101 30.19 7.78 8.48
N GLY F 102 30.27 7.47 9.77
CA GLY F 102 29.14 7.69 10.66
C GLY F 102 28.76 6.45 11.44
N GLU F 103 27.54 5.95 11.21
CA GLU F 103 27.01 4.77 11.89
C GLU F 103 27.98 4.11 12.86
N GLY F 104 27.70 4.28 14.15
CA GLY F 104 28.55 3.71 15.19
C GLY F 104 28.70 2.21 15.06
N ARG F 105 29.21 1.58 16.12
CA ARG F 105 29.40 0.14 16.10
C ARG F 105 28.14 -0.59 16.56
N SER F 106 27.97 -1.81 16.05
CA SER F 106 26.82 -2.63 16.39
C SER F 106 27.21 -4.06 16.72
N ILE F 107 26.27 -4.82 17.26
CA ILE F 107 26.49 -6.22 17.60
C ILE F 107 25.24 -7.00 17.16
N TYR F 108 25.38 -7.80 16.12
CA TYR F 108 24.27 -8.59 15.60
C TYR F 108 24.39 -10.00 16.14
N PHE F 109 23.25 -10.58 16.51
CA PHE F 109 23.23 -11.93 17.05
C PHE F 109 21.80 -12.44 16.99
N TYR F 110 21.63 -13.70 16.62
CA TYR F 110 20.31 -14.30 16.54
C TYR F 110 19.88 -14.94 17.87
N ASP F 111 18.61 -15.32 17.96
CA ASP F 111 18.11 -15.99 19.14
C ASP F 111 17.97 -17.44 18.74
N PHE F 112 17.26 -18.23 19.52
CA PHE F 112 17.11 -19.65 19.19
C PHE F 112 15.96 -19.93 18.22
N ASP F 113 15.38 -18.86 17.68
CA ASP F 113 14.25 -18.96 16.74
C ASP F 113 14.48 -18.21 15.42
N ASN F 114 15.74 -17.89 15.13
CA ASN F 114 16.12 -17.18 13.91
C ASN F 114 15.69 -15.71 13.83
N HIS F 115 15.66 -15.04 14.98
CA HIS F 115 15.31 -13.62 15.05
C HIS F 115 16.62 -12.85 15.13
N LEU F 116 16.82 -11.90 14.23
CA LEU F 116 18.05 -11.11 14.25
C LEU F 116 17.90 -9.93 15.20
N PHE F 117 18.79 -9.86 16.19
CA PHE F 117 18.78 -8.76 17.15
C PHE F 117 20.06 -7.96 17.01
N GLU F 118 19.99 -6.69 17.42
CA GLU F 118 21.15 -5.82 17.35
C GLU F 118 21.21 -4.87 18.50
N LEU F 119 22.42 -4.63 18.97
CA LEU F 119 22.72 -3.69 20.04
C LEU F 119 23.51 -2.63 19.25
N HIS F 120 23.00 -1.41 19.24
CA HIS F 120 23.62 -0.33 18.48
C HIS F 120 24.22 0.77 19.34
N ALA F 121 25.53 0.96 19.23
CA ALA F 121 26.23 1.99 19.98
C ALA F 121 26.39 3.22 19.11
N GLY F 122 25.29 3.91 18.85
CA GLY F 122 25.32 5.09 18.02
C GLY F 122 23.97 5.78 18.06
N THR F 123 23.75 6.74 17.18
CA THR F 123 22.48 7.45 17.15
C THR F 123 22.06 7.85 15.75
N LEU F 124 20.80 8.28 15.63
CA LEU F 124 20.26 8.71 14.35
C LEU F 124 20.88 10.07 14.08
N GLU F 125 21.01 10.85 15.16
CA GLU F 125 21.58 12.19 15.12
C GLU F 125 23.00 12.15 14.56
N GLN F 126 23.67 11.01 14.74
CA GLN F 126 25.03 10.86 14.27
C GLN F 126 25.08 10.34 12.82
N ARG F 127 24.04 9.63 12.41
CA ARG F 127 23.96 9.07 11.07
C ARG F 127 23.50 10.12 10.07
N LEU F 128 22.67 11.05 10.53
CA LEU F 128 22.15 12.11 9.69
C LEU F 128 23.13 13.28 9.69
N LYS F 129 24.23 13.10 10.42
CA LYS F 129 25.28 14.10 10.54
C LYS F 129 26.18 14.06 9.31
N ARG F 130 27.06 13.05 9.27
CA ARG F 130 27.99 12.88 8.16
C ARG F 130 27.30 13.13 6.82
N TYR F 131 25.99 12.91 6.79
CA TYR F 131 25.20 13.12 5.59
C TYR F 131 24.53 14.49 5.69
#